data_8FVD
#
_entry.id   8FVD
#
_cell.length_a   161.069
_cell.length_b   110.013
_cell.length_c   129.511
_cell.angle_alpha   90.000
_cell.angle_beta   90.000
_cell.angle_gamma   90.000
#
_symmetry.space_group_name_H-M   'P 21 21 2'
#
loop_
_entity.id
_entity.type
_entity.pdbx_description
1 polymer 'CTP synthase'
2 non-polymer 'MALONIC ACID'
3 non-polymer "2'-deoxy-2',2'-difluorocytidine 5'-(tetrahydrogen triphosphate)"
4 non-polymer 'MAGNESIUM ION'
5 water water
#
_entity_poly.entity_id   1
_entity_poly.type   'polypeptide(L)'
_entity_poly.pdbx_seq_one_letter_code
;MTTNYIFVTGGVVSSLGKGIAAASLAAILEARGLNVTIMKLDPYINVDPGTMSPIQHGEVFVTEDGAETDLDLGHYERFI
RTKMSRRNNFTTGRIYSDVLRKERRGDYLGATVQVIPHITNAIKERVLEGGEGHDVVLVEIGGTVGDIESLPFLEAIRQM
AVEIGREHTLFMHLTLVPYMAASGEVKTKPTQHSVKELLSIGIQPDILICRSDRAVPANERAKIALFCNVPEKAVISLKD
VDSIYKIPGLLKSQGLDDYICKRFSLNCPEANLSEWEQVIFEEANPVSEVTIGMVGKYIELPDAYKSVIEALKHGGLKNR
VSVNIKLIDSQDVETRGVEILKGLDAILVPGGFGYRGVEGMITTARFARENNIPYLGICLGMQVALIDYARHVANMENAN
STEFVPDCKYPVVALITEWRDENGNVEVRSEKSDLGGTMRLGAQQCQLVDDSLVRQLYNAPTIVERHRHRYEVNNMLLKQ
IEDAGLRVAGRSGDDQLVEIIEVPNHPWFVACQFHPEFTSTPRDGHPLFAGFVKAASEFQKRQAK
;
_entity_poly.pdbx_strand_id   A,B
#
loop_
_chem_comp.id
_chem_comp.type
_chem_comp.name
_chem_comp.formula
GTF non-polymer '2'-deoxy-2',2'-difluorocytidine 5'-(tetrahydrogen triphosphate)' 'C9 H14 F2 N3 O13 P3'
MG non-polymer 'MAGNESIUM ION' 'Mg 2'
MLA non-polymer 'MALONIC ACID' 'C3 H4 O4'
#
# COMPACT_ATOMS: atom_id res chain seq x y z
N MET A 1 -22.36 10.99 36.96
CA MET A 1 -22.08 10.20 35.76
C MET A 1 -21.88 11.10 34.55
N THR A 2 -20.68 11.66 34.42
CA THR A 2 -20.37 12.53 33.29
C THR A 2 -20.22 11.70 32.03
N THR A 3 -20.65 12.27 30.90
CA THR A 3 -20.59 11.59 29.62
C THR A 3 -19.21 11.73 29.01
N ASN A 4 -18.60 10.61 28.64
CA ASN A 4 -17.28 10.59 28.02
C ASN A 4 -17.41 10.54 26.51
N TYR A 5 -16.42 11.14 25.83
CA TYR A 5 -16.42 11.25 24.37
C TYR A 5 -15.14 10.67 23.80
N ILE A 6 -15.26 9.97 22.68
CA ILE A 6 -14.12 9.42 21.95
C ILE A 6 -14.22 9.94 20.52
N PHE A 7 -13.33 10.86 20.14
CA PHE A 7 -13.32 11.43 18.81
C PHE A 7 -12.43 10.60 17.89
N VAL A 8 -12.99 10.17 16.76
CA VAL A 8 -12.32 9.27 15.83
C VAL A 8 -12.03 10.05 14.54
N THR A 9 -10.76 10.08 14.15
CA THR A 9 -10.32 10.75 12.94
C THR A 9 -9.48 9.79 12.10
N GLY A 10 -9.18 10.21 10.88
CA GLY A 10 -8.39 9.39 9.98
C GLY A 10 -7.38 10.22 9.22
N GLY A 11 -6.24 9.60 8.91
CA GLY A 11 -5.16 10.27 8.22
C GLY A 11 -4.63 9.44 7.06
N VAL A 12 -3.64 10.02 6.37
CA VAL A 12 -3.00 9.43 5.20
C VAL A 12 -3.98 9.33 4.05
N VAL A 13 -4.93 8.39 4.13
CA VAL A 13 -5.95 8.20 3.11
C VAL A 13 -7.33 8.19 3.78
N SER A 14 -8.36 7.98 2.96
CA SER A 14 -9.73 8.00 3.44
C SER A 14 -10.35 6.62 3.60
N SER A 15 -9.92 5.64 2.82
CA SER A 15 -10.48 4.28 2.89
C SER A 15 -9.78 3.52 4.01
N LEU A 16 -10.22 3.80 5.24
CA LEU A 16 -9.64 3.19 6.43
C LEU A 16 -10.63 2.39 7.26
N GLY A 17 -11.94 2.51 6.99
CA GLY A 17 -12.93 1.83 7.78
C GLY A 17 -13.09 2.47 9.14
N LYS A 18 -13.19 3.80 9.18
CA LYS A 18 -13.40 4.49 10.44
C LYS A 18 -14.70 4.07 11.10
N GLY A 19 -15.76 3.93 10.30
CA GLY A 19 -17.05 3.54 10.85
C GLY A 19 -17.04 2.14 11.42
N ILE A 20 -16.41 1.20 10.70
CA ILE A 20 -16.32 -0.18 11.19
C ILE A 20 -15.46 -0.26 12.43
N ALA A 21 -14.36 0.49 12.46
CA ALA A 21 -13.49 0.48 13.64
C ALA A 21 -14.19 1.12 14.84
N ALA A 22 -15.00 2.16 14.60
CA ALA A 22 -15.75 2.77 15.70
C ALA A 22 -16.89 1.86 16.15
N ALA A 23 -17.59 1.24 15.21
CA ALA A 23 -18.66 0.32 15.57
C ALA A 23 -18.13 -0.88 16.34
N SER A 24 -16.96 -1.39 15.95
CA SER A 24 -16.38 -2.54 16.64
C SER A 24 -15.97 -2.19 18.05
N LEU A 25 -15.35 -1.02 18.23
CA LEU A 25 -15.00 -0.56 19.57
C LEU A 25 -16.25 -0.35 20.41
N ALA A 26 -17.33 0.16 19.80
CA ALA A 26 -18.56 0.35 20.55
C ALA A 26 -19.19 -1.00 20.92
N ALA A 27 -18.98 -2.03 20.11
CA ALA A 27 -19.48 -3.36 20.44
C ALA A 27 -18.77 -3.94 21.65
N ILE A 28 -17.48 -3.62 21.81
CA ILE A 28 -16.74 -4.10 22.98
C ILE A 28 -17.23 -3.38 24.23
N LEU A 29 -17.38 -2.06 24.16
CA LEU A 29 -17.83 -1.29 25.32
C LEU A 29 -19.25 -1.67 25.72
N GLU A 30 -20.11 -1.96 24.73
CA GLU A 30 -21.47 -2.42 25.05
C GLU A 30 -21.45 -3.81 25.66
N ALA A 31 -20.44 -4.62 25.31
CA ALA A 31 -20.29 -5.95 25.90
C ALA A 31 -19.84 -5.91 27.35
N ARG A 32 -19.45 -4.74 27.86
CA ARG A 32 -19.07 -4.58 29.26
C ARG A 32 -20.17 -3.93 30.09
N GLY A 33 -21.37 -3.81 29.53
CA GLY A 33 -22.50 -3.24 30.24
C GLY A 33 -22.65 -1.74 30.13
N LEU A 34 -21.89 -1.09 29.26
CA LEU A 34 -21.93 0.35 29.13
C LEU A 34 -22.99 0.78 28.12
N ASN A 35 -23.52 1.99 28.31
CA ASN A 35 -24.47 2.58 27.38
C ASN A 35 -23.68 3.39 26.35
N VAL A 36 -23.61 2.91 25.12
CA VAL A 36 -22.75 3.48 24.10
C VAL A 36 -23.61 3.94 22.92
N THR A 37 -23.18 5.02 22.29
CA THR A 37 -23.79 5.49 21.05
C THR A 37 -22.71 6.04 20.14
N ILE A 38 -23.04 6.11 18.85
CA ILE A 38 -22.11 6.55 17.82
C ILE A 38 -22.77 7.62 16.97
N MET A 39 -21.97 8.59 16.53
CA MET A 39 -22.46 9.61 15.62
CA MET A 39 -22.42 9.67 15.66
C MET A 39 -21.44 9.85 14.52
N LYS A 40 -21.94 10.31 13.37
CA LYS A 40 -21.13 10.52 12.19
C LYS A 40 -21.23 11.97 11.73
N LEU A 41 -20.08 12.60 11.52
CA LEU A 41 -19.99 13.98 11.08
C LEU A 41 -19.45 13.99 9.65
N ASP A 42 -20.32 14.26 8.69
CA ASP A 42 -19.94 14.24 7.28
C ASP A 42 -19.55 15.65 6.82
N PRO A 43 -18.49 15.76 6.03
CA PRO A 43 -18.02 17.08 5.59
C PRO A 43 -18.58 17.57 4.25
N TYR A 44 -19.57 16.90 3.66
CA TYR A 44 -20.08 17.40 2.40
CA TYR A 44 -20.14 17.34 2.40
C TYR A 44 -21.17 18.44 2.64
N ILE A 45 -21.42 19.24 1.60
CA ILE A 45 -22.35 20.37 1.69
C ILE A 45 -23.81 19.95 1.55
N ASN A 46 -24.08 18.71 1.13
CA ASN A 46 -25.45 18.22 1.06
C ASN A 46 -26.09 18.28 2.45
N VAL A 47 -27.31 18.82 2.52
CA VAL A 47 -28.00 18.92 3.81
C VAL A 47 -28.26 17.53 4.39
N ASP A 48 -28.63 16.59 3.52
CA ASP A 48 -28.81 15.19 3.91
C ASP A 48 -28.62 14.32 2.68
N PRO A 49 -28.24 13.06 2.86
CA PRO A 49 -28.01 12.19 1.69
C PRO A 49 -29.27 11.84 0.91
N GLY A 50 -30.41 12.45 1.24
CA GLY A 50 -31.63 12.16 0.51
C GLY A 50 -31.59 12.59 -0.94
N THR A 51 -30.87 13.67 -1.23
CA THR A 51 -30.74 14.18 -2.60
C THR A 51 -29.52 13.65 -3.33
N MET A 52 -28.85 12.63 -2.77
CA MET A 52 -27.66 12.06 -3.39
C MET A 52 -28.01 10.78 -4.12
N SER A 53 -27.24 10.48 -5.17
CA SER A 53 -27.49 9.31 -5.99
C SER A 53 -26.77 8.10 -5.42
N PRO A 54 -27.40 6.91 -5.45
CA PRO A 54 -26.72 5.71 -4.96
C PRO A 54 -25.50 5.32 -5.77
N ILE A 55 -25.39 5.77 -7.02
CA ILE A 55 -24.26 5.41 -7.87
C ILE A 55 -22.97 6.08 -7.41
N GLN A 56 -23.06 7.18 -6.67
CA GLN A 56 -21.89 7.93 -6.21
C GLN A 56 -21.68 7.85 -4.72
N HIS A 57 -22.75 7.92 -3.92
CA HIS A 57 -22.65 7.93 -2.47
C HIS A 57 -22.82 6.56 -1.85
N GLY A 58 -23.66 5.71 -2.43
CA GLY A 58 -24.03 4.44 -1.84
C GLY A 58 -25.49 4.45 -1.42
N GLU A 59 -25.86 3.43 -0.65
CA GLU A 59 -27.24 3.33 -0.19
C GLU A 59 -27.53 4.44 0.81
N VAL A 60 -28.82 4.81 0.89
CA VAL A 60 -29.30 5.82 1.80
C VAL A 60 -29.95 5.09 2.97
N PHE A 61 -29.25 5.02 4.10
CA PHE A 61 -29.78 4.36 5.28
C PHE A 61 -30.92 5.17 5.88
N VAL A 62 -31.92 4.47 6.40
CA VAL A 62 -33.11 5.09 6.98
C VAL A 62 -33.24 4.63 8.43
N THR A 63 -33.35 5.58 9.35
CA THR A 63 -33.50 5.28 10.76
C THR A 63 -34.97 5.10 11.11
N GLU A 64 -35.24 4.83 12.39
CA GLU A 64 -36.62 4.63 12.83
C GLU A 64 -37.44 5.90 12.68
N ASP A 65 -36.88 7.05 13.08
CA ASP A 65 -37.62 8.30 13.01
C ASP A 65 -37.80 8.80 11.58
N GLY A 66 -37.17 8.18 10.60
CA GLY A 66 -37.38 8.54 9.22
C GLY A 66 -36.36 9.48 8.64
N ALA A 67 -35.11 9.39 9.09
CA ALA A 67 -34.04 10.25 8.62
C ALA A 67 -33.21 9.53 7.57
N GLU A 68 -32.90 10.24 6.49
CA GLU A 68 -32.04 9.73 5.43
C GLU A 68 -30.60 10.09 5.78
N THR A 69 -29.80 9.09 6.15
CA THR A 69 -28.47 9.29 6.68
C THR A 69 -27.43 8.53 5.85
N ASP A 70 -26.17 8.70 6.22
CA ASP A 70 -25.08 7.98 5.59
C ASP A 70 -25.18 6.50 5.91
N LEU A 71 -24.61 5.68 5.02
CA LEU A 71 -24.67 4.23 5.22
C LEU A 71 -23.82 3.76 6.39
N ASP A 72 -22.93 4.59 6.92
CA ASP A 72 -22.15 4.19 8.08
C ASP A 72 -23.04 3.90 9.28
N LEU A 73 -24.22 4.53 9.35
CA LEU A 73 -25.14 4.21 10.43
C LEU A 73 -25.68 2.79 10.33
N GLY A 74 -25.64 2.20 9.13
CA GLY A 74 -25.96 0.79 9.02
C GLY A 74 -24.95 -0.08 9.73
N HIS A 75 -23.67 0.27 9.62
CA HIS A 75 -22.65 -0.42 10.41
C HIS A 75 -22.90 -0.27 11.90
N TYR A 76 -23.35 0.91 12.33
CA TYR A 76 -23.56 1.14 13.76
C TYR A 76 -24.67 0.25 14.31
N GLU A 77 -25.80 0.17 13.60
CA GLU A 77 -26.90 -0.64 14.09
C GLU A 77 -26.63 -2.14 13.96
N ARG A 78 -25.64 -2.53 13.17
CA ARG A 78 -25.27 -3.94 13.04
C ARG A 78 -24.15 -4.35 14.00
N PHE A 79 -23.67 -3.42 14.83
CA PHE A 79 -22.67 -3.73 15.85
C PHE A 79 -23.13 -3.44 17.27
N ILE A 80 -23.98 -2.44 17.48
CA ILE A 80 -24.55 -2.18 18.79
C ILE A 80 -26.07 -2.13 18.66
N ARG A 81 -26.74 -2.29 19.80
CA ARG A 81 -28.19 -2.34 19.86
C ARG A 81 -28.84 -0.99 20.16
N THR A 82 -28.05 0.08 20.25
CA THR A 82 -28.61 1.41 20.45
C THR A 82 -29.20 1.91 19.14
N LYS A 83 -30.45 2.37 19.19
CA LYS A 83 -31.13 2.83 17.98
C LYS A 83 -30.57 4.17 17.51
N MET A 84 -30.37 4.29 16.21
CA MET A 84 -29.91 5.54 15.62
C MET A 84 -31.09 6.41 15.24
N SER A 85 -30.88 7.73 15.30
CA SER A 85 -31.92 8.70 14.99
C SER A 85 -31.30 9.81 14.16
N ARG A 86 -32.03 10.91 14.03
CA ARG A 86 -31.52 12.06 13.27
C ARG A 86 -30.33 12.71 13.97
N ARG A 87 -30.25 12.59 15.29
CA ARG A 87 -29.19 13.22 16.07
C ARG A 87 -27.85 12.50 15.92
N ASN A 88 -27.79 11.39 15.20
CA ASN A 88 -26.57 10.60 15.08
C ASN A 88 -25.82 10.86 13.78
N ASN A 89 -26.25 11.82 12.97
CA ASN A 89 -25.58 12.10 11.70
C ASN A 89 -25.99 13.47 11.21
N PHE A 90 -25.02 14.35 11.00
CA PHE A 90 -25.28 15.65 10.38
C PHE A 90 -24.08 16.03 9.53
N THR A 91 -24.30 16.97 8.62
CA THR A 91 -23.32 17.35 7.61
C THR A 91 -22.98 18.83 7.73
N THR A 92 -21.96 19.23 6.97
CA THR A 92 -21.55 20.63 6.97
C THR A 92 -22.67 21.53 6.44
N GLY A 93 -23.37 21.08 5.40
CA GLY A 93 -24.49 21.85 4.90
C GLY A 93 -25.60 22.02 5.93
N ARG A 94 -25.79 21.01 6.78
CA ARG A 94 -26.76 21.14 7.86
C ARG A 94 -26.34 22.23 8.85
N ILE A 95 -25.04 22.31 9.14
CA ILE A 95 -24.56 23.32 10.10
C ILE A 95 -24.71 24.72 9.53
N TYR A 96 -24.26 24.91 8.28
CA TYR A 96 -24.37 26.23 7.67
C TYR A 96 -25.82 26.62 7.44
N SER A 97 -26.69 25.64 7.17
CA SER A 97 -28.10 25.95 7.01
C SER A 97 -28.71 26.46 8.32
N ASP A 98 -28.27 25.90 9.46
CA ASP A 98 -28.76 26.37 10.74
C ASP A 98 -28.28 27.79 11.03
N VAL A 99 -27.00 28.06 10.79
CA VAL A 99 -26.43 29.36 11.13
C VAL A 99 -26.96 30.44 10.20
N LEU A 100 -27.13 30.12 8.91
CA LEU A 100 -27.62 31.10 7.95
C LEU A 100 -29.03 31.55 8.29
N ARG A 101 -29.89 30.62 8.73
CA ARG A 101 -31.26 30.99 9.07
C ARG A 101 -31.31 31.84 10.34
N LYS A 102 -30.52 31.49 11.35
CA LYS A 102 -30.48 32.30 12.56
C LYS A 102 -29.93 33.70 12.28
N GLU A 103 -29.04 33.83 11.29
CA GLU A 103 -28.48 35.12 10.96
C GLU A 103 -29.49 36.00 10.23
N ARG A 104 -30.22 35.42 9.27
CA ARG A 104 -31.25 36.18 8.57
C ARG A 104 -32.41 36.52 9.50
N ARG A 105 -32.73 35.62 10.42
CA ARG A 105 -33.76 35.88 11.42
C ARG A 105 -33.32 36.90 12.46
N GLY A 106 -32.03 37.24 12.51
CA GLY A 106 -31.55 38.22 13.45
C GLY A 106 -31.28 37.70 14.84
N ASP A 107 -31.00 36.40 14.98
CA ASP A 107 -30.80 35.80 16.29
C ASP A 107 -29.39 36.03 16.83
N TYR A 108 -28.49 36.61 16.04
CA TYR A 108 -27.13 36.90 16.50
C TYR A 108 -26.96 38.34 16.94
N LEU A 109 -28.02 39.14 16.88
CA LEU A 109 -28.03 40.51 17.42
C LEU A 109 -26.98 41.38 16.74
N GLY A 110 -26.98 41.36 15.41
CA GLY A 110 -26.16 42.28 14.64
C GLY A 110 -24.67 42.01 14.76
N ALA A 111 -24.33 40.84 15.29
CA ALA A 111 -22.93 40.49 15.47
C ALA A 111 -22.35 39.95 14.16
N THR A 112 -21.02 39.89 14.11
CA THR A 112 -20.32 39.33 12.95
C THR A 112 -20.30 37.82 13.10
N VAL A 113 -21.03 37.11 12.24
CA VAL A 113 -21.08 35.66 12.30
C VAL A 113 -19.84 35.10 11.63
N GLN A 114 -19.05 34.35 12.38
CA GLN A 114 -17.75 33.88 11.94
C GLN A 114 -17.64 32.37 12.15
N VAL A 115 -16.64 31.77 11.49
CA VAL A 115 -16.41 30.33 11.64
C VAL A 115 -16.18 29.98 13.10
N ILE A 116 -15.45 30.82 13.81
CA ILE A 116 -15.22 30.69 15.25
C ILE A 116 -15.75 31.95 15.90
N PRO A 117 -16.69 31.87 16.85
CA PRO A 117 -17.23 30.65 17.46
C PRO A 117 -18.56 30.18 16.88
N HIS A 118 -19.16 30.89 15.93
CA HIS A 118 -20.54 30.61 15.54
C HIS A 118 -20.68 29.24 14.86
N ILE A 119 -19.84 28.97 13.86
CA ILE A 119 -19.92 27.67 13.20
C ILE A 119 -19.48 26.56 14.14
N THR A 120 -18.45 26.80 14.95
CA THR A 120 -17.96 25.76 15.84
C THR A 120 -18.97 25.49 16.97
N ASN A 121 -19.66 26.53 17.45
CA ASN A 121 -20.66 26.31 18.49
C ASN A 121 -21.83 25.49 17.97
N ALA A 122 -22.22 25.71 16.72
CA ALA A 122 -23.29 24.91 16.13
C ALA A 122 -22.90 23.44 16.08
N ILE A 123 -21.62 23.16 15.81
CA ILE A 123 -21.15 21.78 15.77
C ILE A 123 -21.13 21.18 17.17
N LYS A 124 -20.62 21.93 18.15
CA LYS A 124 -20.52 21.41 19.51
C LYS A 124 -21.89 21.16 20.12
N GLU A 125 -22.90 21.95 19.73
CA GLU A 125 -24.23 21.76 20.31
C GLU A 125 -24.89 20.49 19.77
N ARG A 126 -24.65 20.16 18.50
CA ARG A 126 -25.22 18.93 17.95
C ARG A 126 -24.52 17.69 18.49
N VAL A 127 -23.21 17.78 18.77
CA VAL A 127 -22.51 16.65 19.37
C VAL A 127 -23.00 16.40 20.78
N LEU A 128 -23.20 17.48 21.56
CA LEU A 128 -23.70 17.33 22.91
C LEU A 128 -25.16 16.89 22.92
N GLU A 129 -25.95 17.34 21.93
CA GLU A 129 -27.36 16.97 21.90
C GLU A 129 -27.54 15.48 21.67
N GLY A 130 -26.81 14.92 20.71
CA GLY A 130 -26.87 13.50 20.43
C GLY A 130 -25.96 12.64 21.28
N GLY A 131 -25.26 13.23 22.25
CA GLY A 131 -24.32 12.48 23.05
C GLY A 131 -24.70 12.39 24.51
N GLU A 132 -25.25 13.48 25.06
CA GLU A 132 -25.62 13.49 26.48
C GLU A 132 -26.63 12.39 26.78
N GLY A 133 -26.51 11.81 27.97
CA GLY A 133 -27.34 10.70 28.36
C GLY A 133 -26.73 9.33 28.17
N HIS A 134 -25.45 9.26 27.80
CA HIS A 134 -24.77 7.99 27.58
C HIS A 134 -23.49 7.96 28.40
N ASP A 135 -22.89 6.77 28.48
CA ASP A 135 -21.61 6.62 29.16
C ASP A 135 -20.45 6.99 28.25
N VAL A 136 -20.41 6.40 27.05
CA VAL A 136 -19.36 6.66 26.08
C VAL A 136 -20.03 7.04 24.76
N VAL A 137 -19.51 8.08 24.12
CA VAL A 137 -20.03 8.58 22.85
C VAL A 137 -18.87 8.59 21.86
N LEU A 138 -19.04 7.87 20.75
CA LEU A 138 -18.04 7.82 19.69
C LEU A 138 -18.45 8.78 18.58
N VAL A 139 -17.57 9.72 18.25
CA VAL A 139 -17.84 10.76 17.26
C VAL A 139 -16.89 10.53 16.09
N GLU A 140 -17.41 10.03 14.98
CA GLU A 140 -16.60 9.78 13.79
C GLU A 140 -16.55 11.05 12.95
N ILE A 141 -15.35 11.54 12.67
CA ILE A 141 -15.15 12.75 11.87
C ILE A 141 -14.83 12.31 10.44
N GLY A 142 -15.74 12.61 9.52
CA GLY A 142 -15.50 12.28 8.14
C GLY A 142 -14.40 13.12 7.51
N GLY A 143 -13.82 12.57 6.45
CA GLY A 143 -12.73 13.24 5.77
C GLY A 143 -11.37 12.81 6.30
N THR A 144 -10.34 13.38 5.70
CA THR A 144 -8.95 13.09 6.05
C THR A 144 -8.33 14.31 6.71
N VAL A 145 -7.59 14.08 7.79
CA VAL A 145 -6.95 15.18 8.50
C VAL A 145 -5.96 15.87 7.58
N GLY A 146 -6.10 17.19 7.47
CA GLY A 146 -5.29 18.00 6.58
C GLY A 146 -6.08 18.67 5.47
N ASP A 147 -7.29 18.20 5.20
CA ASP A 147 -8.12 18.79 4.15
C ASP A 147 -8.94 19.95 4.71
N ILE A 148 -9.39 20.81 3.81
CA ILE A 148 -10.13 22.00 4.20
C ILE A 148 -11.48 21.62 4.79
N GLU A 149 -12.11 20.58 4.24
CA GLU A 149 -13.51 20.32 4.54
C GLU A 149 -13.75 19.88 5.99
N SER A 150 -12.73 19.35 6.67
CA SER A 150 -12.89 18.82 8.02
CA SER A 150 -12.89 18.82 8.02
C SER A 150 -12.38 19.77 9.10
N LEU A 151 -11.81 20.91 8.73
CA LEU A 151 -11.25 21.82 9.73
C LEU A 151 -12.28 22.35 10.71
N PRO A 152 -13.46 22.84 10.29
CA PRO A 152 -14.46 23.23 11.30
C PRO A 152 -14.81 22.12 12.27
N PHE A 153 -14.89 20.87 11.81
CA PHE A 153 -15.15 19.77 12.73
C PHE A 153 -14.00 19.57 13.71
N LEU A 154 -12.75 19.64 13.20
CA LEU A 154 -11.60 19.38 14.06
C LEU A 154 -11.39 20.49 15.07
N GLU A 155 -11.60 21.75 14.67
CA GLU A 155 -11.48 22.85 15.62
C GLU A 155 -12.57 22.79 16.68
N ALA A 156 -13.76 22.28 16.32
CA ALA A 156 -14.86 22.22 17.27
C ALA A 156 -14.60 21.18 18.35
N ILE A 157 -14.13 20.00 17.97
CA ILE A 157 -13.87 18.97 18.97
C ILE A 157 -12.66 19.31 19.82
N ARG A 158 -11.72 20.09 19.29
CA ARG A 158 -10.60 20.53 20.12
C ARG A 158 -11.08 21.39 21.28
N GLN A 159 -12.05 22.28 21.01
CA GLN A 159 -12.60 23.11 22.07
C GLN A 159 -13.40 22.30 23.08
N MET A 160 -14.08 21.24 22.63
CA MET A 160 -14.81 20.39 23.57
C MET A 160 -13.86 19.68 24.52
N ALA A 161 -12.71 19.22 24.02
CA ALA A 161 -11.76 18.53 24.88
C ALA A 161 -11.24 19.45 25.99
N VAL A 162 -11.14 20.75 25.72
CA VAL A 162 -10.63 21.68 26.72
C VAL A 162 -11.66 21.92 27.81
N GLU A 163 -12.93 22.14 27.43
CA GLU A 163 -13.95 22.44 28.43
C GLU A 163 -14.37 21.19 29.19
N ILE A 164 -14.68 20.11 28.47
CA ILE A 164 -15.04 18.86 29.13
C ILE A 164 -13.88 18.32 29.94
N GLY A 165 -12.67 18.51 29.45
CA GLY A 165 -11.50 18.06 30.19
C GLY A 165 -10.94 16.77 29.62
N ARG A 166 -9.62 16.61 29.77
CA ARG A 166 -8.96 15.40 29.27
C ARG A 166 -9.36 14.15 30.02
N GLU A 167 -9.93 14.31 31.23
CA GLU A 167 -10.36 13.16 32.02
C GLU A 167 -11.58 12.47 31.44
N HIS A 168 -12.25 13.08 30.45
CA HIS A 168 -13.45 12.47 29.86
C HIS A 168 -13.44 12.53 28.34
N THR A 169 -12.29 12.77 27.71
CA THR A 169 -12.20 12.84 26.26
C THR A 169 -10.98 12.05 25.79
N LEU A 170 -11.09 11.49 24.59
CA LEU A 170 -10.01 10.75 23.95
C LEU A 170 -10.03 11.05 22.46
N PHE A 171 -8.84 11.05 21.86
CA PHE A 171 -8.68 11.21 20.42
C PHE A 171 -8.09 9.92 19.85
N MET A 172 -8.84 9.26 18.98
CA MET A 172 -8.40 8.04 18.32
C MET A 172 -8.19 8.32 16.84
N HIS A 173 -6.96 8.12 16.37
CA HIS A 173 -6.55 8.51 15.03
C HIS A 173 -6.16 7.26 14.25
N LEU A 174 -6.83 7.03 13.11
CA LEU A 174 -6.53 5.91 12.23
C LEU A 174 -5.57 6.36 11.14
N THR A 175 -4.52 5.57 10.90
CA THR A 175 -3.53 5.86 9.88
C THR A 175 -3.28 4.61 9.05
N LEU A 176 -2.60 4.82 7.92
CA LEU A 176 -2.25 3.75 7.00
C LEU A 176 -0.77 3.44 7.12
N VAL A 177 -0.45 2.17 7.30
CA VAL A 177 0.94 1.72 7.36
C VAL A 177 1.18 0.81 6.15
N PRO A 178 1.54 1.38 4.99
CA PRO A 178 1.62 0.55 3.78
C PRO A 178 2.84 -0.36 3.79
N TYR A 179 2.67 -1.50 3.13
CA TYR A 179 3.74 -2.46 2.91
C TYR A 179 4.37 -2.24 1.54
N MET A 180 5.70 -2.23 1.50
CA MET A 180 6.47 -2.05 0.27
C MET A 180 7.12 -3.37 -0.11
N ALA A 181 6.87 -3.81 -1.36
CA ALA A 181 7.52 -5.02 -1.85
C ALA A 181 9.01 -4.82 -2.09
N ALA A 182 9.48 -3.57 -2.20
CA ALA A 182 10.89 -3.32 -2.42
C ALA A 182 11.72 -3.66 -1.19
N SER A 183 11.34 -3.11 -0.03
CA SER A 183 12.06 -3.34 1.21
C SER A 183 11.47 -4.47 2.04
N GLY A 184 10.32 -5.03 1.64
CA GLY A 184 9.73 -6.12 2.38
C GLY A 184 9.32 -5.77 3.80
N GLU A 185 9.01 -4.51 4.06
CA GLU A 185 8.61 -4.03 5.38
CA GLU A 185 8.55 -4.10 5.37
C GLU A 185 7.48 -3.03 5.23
N VAL A 186 6.84 -2.71 6.35
CA VAL A 186 5.80 -1.69 6.40
C VAL A 186 6.43 -0.36 6.77
N LYS A 187 5.86 0.72 6.27
CA LYS A 187 6.41 2.06 6.42
C LYS A 187 5.54 2.88 7.37
N THR A 188 6.17 3.41 8.42
CA THR A 188 5.49 4.25 9.39
C THR A 188 5.58 5.73 9.07
N LYS A 189 6.27 6.11 8.00
CA LYS A 189 6.44 7.52 7.69
C LYS A 189 5.12 8.25 7.43
N PRO A 190 4.17 7.71 6.65
CA PRO A 190 2.88 8.42 6.52
C PRO A 190 2.19 8.66 7.85
N THR A 191 2.33 7.75 8.81
CA THR A 191 1.73 7.96 10.12
C THR A 191 2.41 9.12 10.84
N GLN A 192 3.75 9.19 10.77
CA GLN A 192 4.47 10.26 11.45
C GLN A 192 4.05 11.63 10.94
N HIS A 193 3.91 11.78 9.62
CA HIS A 193 3.51 13.06 9.06
C HIS A 193 2.05 13.37 9.35
N SER A 194 1.20 12.34 9.41
CA SER A 194 -0.22 12.59 9.68
C SER A 194 -0.42 13.11 11.09
N VAL A 195 0.28 12.53 12.07
CA VAL A 195 0.16 13.00 13.45
C VAL A 195 0.65 14.44 13.56
N LYS A 196 1.73 14.77 12.84
CA LYS A 196 2.19 16.16 12.83
C LYS A 196 1.13 17.09 12.23
N GLU A 197 0.42 16.61 11.20
CA GLU A 197 -0.64 17.43 10.63
C GLU A 197 -1.80 17.58 11.60
N LEU A 198 -2.11 16.53 12.35
CA LEU A 198 -3.16 16.61 13.36
C LEU A 198 -2.74 17.51 14.53
N LEU A 199 -1.44 17.55 14.84
CA LEU A 199 -0.96 18.43 15.89
C LEU A 199 -0.97 19.89 15.45
N SER A 200 -0.68 20.16 14.18
CA SER A 200 -0.71 21.54 13.69
C SER A 200 -2.09 22.16 13.78
N ILE A 201 -3.14 21.36 14.01
CA ILE A 201 -4.48 21.89 14.21
C ILE A 201 -4.82 22.03 15.70
N GLY A 202 -4.01 21.47 16.59
CA GLY A 202 -4.21 21.61 18.01
C GLY A 202 -4.66 20.36 18.72
N ILE A 203 -4.62 19.21 18.06
CA ILE A 203 -5.14 17.96 18.61
C ILE A 203 -3.98 17.00 18.81
N GLN A 204 -3.81 16.55 20.05
CA GLN A 204 -2.80 15.54 20.37
C GLN A 204 -3.48 14.19 20.49
N PRO A 205 -3.26 13.26 19.56
CA PRO A 205 -3.96 11.98 19.62
C PRO A 205 -3.54 11.16 20.83
N ASP A 206 -4.46 10.32 21.29
CA ASP A 206 -4.22 9.46 22.44
C ASP A 206 -4.15 7.98 22.09
N ILE A 207 -4.79 7.55 21.01
CA ILE A 207 -4.75 6.17 20.54
C ILE A 207 -4.55 6.20 19.03
N LEU A 208 -3.67 5.33 18.53
CA LEU A 208 -3.39 5.24 17.11
C LEU A 208 -3.76 3.85 16.61
N ILE A 209 -4.69 3.79 15.65
CA ILE A 209 -5.11 2.54 15.02
C ILE A 209 -4.42 2.45 13.67
N CYS A 210 -3.56 1.44 13.52
CA CYS A 210 -2.74 1.30 12.32
C CYS A 210 -3.38 0.31 11.37
N ARG A 211 -3.86 0.81 10.23
CA ARG A 211 -4.48 -0.03 9.21
C ARG A 211 -3.42 -0.49 8.22
N SER A 212 -3.45 -1.78 7.90
CA SER A 212 -2.50 -2.35 6.96
C SER A 212 -3.02 -3.71 6.52
N ASP A 213 -2.49 -4.19 5.39
CA ASP A 213 -2.87 -5.51 4.89
C ASP A 213 -2.29 -6.63 5.74
N ARG A 214 -1.49 -6.31 6.76
CA ARG A 214 -0.90 -7.31 7.63
C ARG A 214 -0.67 -6.68 9.00
N ALA A 215 -0.39 -7.53 9.98
CA ALA A 215 -0.19 -7.04 11.34
C ALA A 215 1.05 -6.15 11.40
N VAL A 216 0.96 -5.09 12.19
CA VAL A 216 2.07 -4.14 12.37
C VAL A 216 2.97 -4.69 13.48
N PRO A 217 4.23 -4.97 13.21
CA PRO A 217 5.11 -5.55 14.23
C PRO A 217 5.34 -4.60 15.40
N ALA A 218 5.86 -5.15 16.48
CA ALA A 218 6.10 -4.36 17.69
C ALA A 218 7.19 -3.33 17.47
N ASN A 219 8.19 -3.64 16.63
CA ASN A 219 9.25 -2.68 16.36
CA ASN A 219 9.25 -2.68 16.35
C ASN A 219 8.71 -1.44 15.66
N GLU A 220 7.77 -1.62 14.71
CA GLU A 220 7.18 -0.47 14.05
C GLU A 220 6.22 0.27 14.97
N ARG A 221 5.47 -0.45 15.79
CA ARG A 221 4.60 0.19 16.76
C ARG A 221 5.39 0.97 17.81
N ALA A 222 6.61 0.53 18.09
CA ALA A 222 7.45 1.28 19.03
C ALA A 222 7.97 2.57 18.40
N LYS A 223 8.28 2.53 17.11
CA LYS A 223 8.75 3.75 16.44
C LYS A 223 7.63 4.78 16.31
N ILE A 224 6.41 4.31 16.04
CA ILE A 224 5.27 5.23 15.98
C ILE A 224 5.04 5.90 17.33
N ALA A 225 5.15 5.11 18.41
CA ALA A 225 4.97 5.69 19.74
C ALA A 225 6.05 6.71 20.07
N LEU A 226 7.23 6.58 19.46
CA LEU A 226 8.33 7.48 19.77
C LEU A 226 8.11 8.87 19.16
N PHE A 227 7.63 8.93 17.92
CA PHE A 227 7.52 10.17 17.18
C PHE A 227 6.19 10.87 17.36
N CYS A 228 5.26 10.31 18.14
CA CYS A 228 3.91 10.84 18.22
C CYS A 228 3.45 11.14 19.64
N ASN A 229 4.34 11.05 20.63
CA ASN A 229 4.01 11.34 22.02
C ASN A 229 2.89 10.42 22.53
N VAL A 230 2.83 9.20 22.03
CA VAL A 230 1.79 8.24 22.40
C VAL A 230 2.45 7.07 23.12
N PRO A 231 1.88 6.57 24.23
CA PRO A 231 2.44 5.36 24.85
C PRO A 231 2.32 4.16 23.92
N GLU A 232 3.26 3.22 24.06
CA GLU A 232 3.30 2.07 23.17
C GLU A 232 2.06 1.20 23.31
N LYS A 233 1.51 1.08 24.52
CA LYS A 233 0.31 0.26 24.70
C LYS A 233 -0.92 0.88 24.05
N ALA A 234 -0.86 2.14 23.65
CA ALA A 234 -1.96 2.81 22.99
C ALA A 234 -1.84 2.80 21.47
N VAL A 235 -0.91 2.03 20.93
CA VAL A 235 -0.74 1.89 19.48
C VAL A 235 -1.28 0.52 19.11
N ILE A 236 -2.47 0.50 18.52
CA ILE A 236 -3.20 -0.73 18.21
C ILE A 236 -3.00 -1.08 16.74
N SER A 237 -2.88 -2.36 16.45
CA SER A 237 -2.72 -2.86 15.09
C SER A 237 -4.04 -3.45 14.62
N LEU A 238 -4.55 -2.96 13.49
CA LEU A 238 -5.78 -3.45 12.89
C LEU A 238 -5.48 -3.85 11.45
N LYS A 239 -5.27 -5.14 11.23
CA LYS A 239 -4.92 -5.66 9.92
C LYS A 239 -6.18 -5.85 9.07
N ASP A 240 -5.96 -6.08 7.78
CA ASP A 240 -7.06 -6.42 6.89
C ASP A 240 -7.57 -7.82 7.22
N VAL A 241 -8.88 -7.96 7.36
CA VAL A 241 -9.50 -9.23 7.71
C VAL A 241 -10.53 -9.59 6.65
N ASP A 242 -10.87 -10.88 6.61
CA ASP A 242 -11.89 -11.38 5.70
C ASP A 242 -13.30 -11.27 6.26
N SER A 243 -13.44 -10.90 7.53
CA SER A 243 -14.74 -10.79 8.16
C SER A 243 -14.66 -9.74 9.25
N ILE A 244 -15.43 -8.66 9.10
CA ILE A 244 -15.42 -7.57 10.07
C ILE A 244 -15.93 -8.01 11.44
N TYR A 245 -16.52 -9.20 11.54
CA TYR A 245 -17.00 -9.67 12.84
C TYR A 245 -15.85 -10.04 13.77
N LYS A 246 -14.64 -10.20 13.24
CA LYS A 246 -13.47 -10.53 14.04
C LYS A 246 -12.80 -9.30 14.66
N ILE A 247 -13.16 -8.10 14.20
CA ILE A 247 -12.48 -6.87 14.62
C ILE A 247 -12.69 -6.58 16.10
N PRO A 248 -13.90 -6.72 16.66
CA PRO A 248 -14.01 -6.58 18.12
C PRO A 248 -13.07 -7.49 18.90
N GLY A 249 -12.94 -8.75 18.48
CA GLY A 249 -12.02 -9.64 19.16
C GLY A 249 -10.57 -9.24 19.01
N LEU A 250 -10.22 -8.69 17.84
CA LEU A 250 -8.83 -8.26 17.63
C LEU A 250 -8.50 -7.04 18.47
N LEU A 251 -9.46 -6.14 18.66
CA LEU A 251 -9.20 -4.95 19.47
C LEU A 251 -9.15 -5.28 20.95
N LYS A 252 -9.96 -6.24 21.41
CA LYS A 252 -9.94 -6.59 22.82
C LYS A 252 -8.64 -7.30 23.21
N SER A 253 -8.08 -8.10 22.30
CA SER A 253 -6.85 -8.82 22.60
C SER A 253 -5.66 -7.89 22.80
N GLN A 254 -5.74 -6.67 22.26
CA GLN A 254 -4.69 -5.67 22.43
C GLN A 254 -5.00 -4.69 23.56
N GLY A 255 -6.08 -4.91 24.30
CA GLY A 255 -6.37 -4.10 25.47
C GLY A 255 -6.85 -2.70 25.16
N LEU A 256 -7.53 -2.51 24.03
CA LEU A 256 -8.04 -1.19 23.68
C LEU A 256 -9.16 -0.77 24.61
N ASP A 257 -10.02 -1.70 25.00
CA ASP A 257 -11.12 -1.37 25.91
C ASP A 257 -10.61 -1.11 27.32
N ASP A 258 -9.52 -1.78 27.72
CA ASP A 258 -8.98 -1.55 29.05
C ASP A 258 -8.35 -0.17 29.17
N TYR A 259 -7.65 0.29 28.12
CA TYR A 259 -7.05 1.61 28.17
C TYR A 259 -8.12 2.70 28.22
N ILE A 260 -9.26 2.47 27.57
CA ILE A 260 -10.34 3.45 27.56
C ILE A 260 -11.06 3.48 28.90
N CYS A 261 -11.37 2.30 29.45
CA CYS A 261 -12.05 2.27 30.75
C CYS A 261 -11.17 2.81 31.85
N LYS A 262 -9.85 2.69 31.72
CA LYS A 262 -8.96 3.24 32.75
C LYS A 262 -8.91 4.76 32.67
N ARG A 263 -8.83 5.31 31.47
CA ARG A 263 -8.80 6.77 31.32
C ARG A 263 -10.10 7.39 31.82
N PHE A 264 -11.24 6.85 31.41
CA PHE A 264 -12.54 7.36 31.81
C PHE A 264 -12.93 6.94 33.22
N SER A 265 -12.08 6.19 33.92
CA SER A 265 -12.35 5.73 35.29
C SER A 265 -13.66 4.94 35.35
N LEU A 266 -13.78 3.94 34.48
CA LEU A 266 -14.96 3.09 34.41
C LEU A 266 -14.60 1.71 34.93
N ASN A 267 -15.34 1.25 35.94
CA ASN A 267 -15.15 -0.09 36.51
C ASN A 267 -16.32 -0.95 36.04
N CYS A 268 -16.11 -1.67 34.94
CA CYS A 268 -17.11 -2.52 34.33
C CYS A 268 -16.53 -3.91 34.12
N PRO A 269 -17.37 -4.94 34.03
CA PRO A 269 -16.86 -6.31 33.87
C PRO A 269 -16.17 -6.52 32.53
N GLU A 270 -15.58 -7.70 32.39
CA GLU A 270 -14.86 -8.04 31.17
C GLU A 270 -15.83 -8.18 30.00
N ALA A 271 -15.37 -7.76 28.81
CA ALA A 271 -16.18 -7.82 27.62
C ALA A 271 -16.51 -9.27 27.28
N ASN A 272 -17.81 -9.56 27.15
CA ASN A 272 -18.28 -10.89 26.79
C ASN A 272 -18.63 -10.88 25.31
N LEU A 273 -17.68 -11.31 24.46
CA LEU A 273 -17.88 -11.36 23.03
C LEU A 273 -18.39 -12.71 22.55
N SER A 274 -19.15 -13.43 23.38
CA SER A 274 -19.59 -14.77 23.02
C SER A 274 -20.54 -14.76 21.83
N GLU A 275 -21.32 -13.70 21.66
CA GLU A 275 -22.20 -13.62 20.49
C GLU A 275 -21.40 -13.44 19.21
N TRP A 276 -20.31 -12.69 19.27
CA TRP A 276 -19.48 -12.48 18.08
C TRP A 276 -18.65 -13.71 17.76
N GLU A 277 -18.16 -14.42 18.78
CA GLU A 277 -17.47 -15.68 18.55
C GLU A 277 -18.39 -16.68 17.87
N GLN A 278 -19.69 -16.63 18.16
CA GLN A 278 -20.64 -17.52 17.52
C GLN A 278 -20.83 -17.17 16.06
N VAL A 279 -20.91 -15.88 15.76
CA VAL A 279 -21.09 -15.44 14.37
C VAL A 279 -19.87 -15.80 13.52
N ILE A 280 -18.68 -15.69 14.09
CA ILE A 280 -17.47 -16.05 13.35
C ILE A 280 -17.46 -17.54 13.05
N PHE A 281 -17.90 -18.36 14.02
CA PHE A 281 -17.96 -19.79 13.81
C PHE A 281 -18.97 -20.16 12.75
N GLU A 282 -20.16 -19.53 12.78
CA GLU A 282 -21.20 -19.84 11.80
C GLU A 282 -20.75 -19.49 10.39
N GLU A 283 -20.06 -18.37 10.24
CA GLU A 283 -19.61 -17.95 8.91
C GLU A 283 -18.48 -18.85 8.39
N ALA A 284 -17.59 -19.27 9.27
CA ALA A 284 -16.43 -20.04 8.86
C ALA A 284 -16.75 -21.49 8.53
N ASN A 285 -17.94 -21.99 8.87
CA ASN A 285 -18.31 -23.38 8.65
C ASN A 285 -19.70 -23.47 8.01
N PRO A 286 -19.81 -23.19 6.71
CA PRO A 286 -21.06 -23.45 6.01
C PRO A 286 -21.16 -24.89 5.56
N VAL A 287 -22.38 -25.44 5.64
CA VAL A 287 -22.61 -26.82 5.23
C VAL A 287 -23.08 -26.93 3.78
N SER A 288 -23.61 -25.84 3.20
CA SER A 288 -24.10 -25.84 1.83
C SER A 288 -23.59 -24.58 1.14
N GLU A 289 -24.00 -24.41 -0.12
CA GLU A 289 -23.64 -23.23 -0.89
C GLU A 289 -24.70 -22.98 -1.95
N VAL A 290 -25.11 -21.72 -2.08
CA VAL A 290 -26.10 -21.30 -3.06
C VAL A 290 -25.55 -20.15 -3.88
N THR A 291 -26.22 -19.86 -4.99
CA THR A 291 -25.86 -18.77 -5.88
C THR A 291 -27.10 -17.91 -6.10
N ILE A 292 -27.23 -16.84 -5.34
CA ILE A 292 -28.36 -15.92 -5.44
C ILE A 292 -27.95 -14.75 -6.32
N GLY A 293 -28.79 -14.44 -7.30
CA GLY A 293 -28.53 -13.33 -8.21
C GLY A 293 -29.37 -12.13 -7.84
N MET A 294 -28.71 -10.97 -7.77
CA MET A 294 -29.36 -9.70 -7.44
C MET A 294 -29.44 -8.89 -8.73
N VAL A 295 -30.67 -8.66 -9.20
CA VAL A 295 -30.91 -7.98 -10.48
C VAL A 295 -31.34 -6.56 -10.18
N GLY A 296 -30.46 -5.60 -10.46
CA GLY A 296 -30.76 -4.21 -10.20
C GLY A 296 -30.22 -3.26 -11.26
N LYS A 297 -30.27 -1.97 -10.98
CA LYS A 297 -29.78 -0.96 -11.91
C LYS A 297 -28.57 -0.19 -11.40
N TYR A 298 -28.30 -0.22 -10.09
CA TYR A 298 -27.16 0.47 -9.51
C TYR A 298 -25.98 -0.47 -9.26
N ILE A 299 -25.93 -1.60 -9.95
CA ILE A 299 -24.91 -2.61 -9.66
C ILE A 299 -23.50 -2.16 -10.00
N GLU A 300 -23.34 -1.05 -10.72
CA GLU A 300 -22.01 -0.55 -11.02
C GLU A 300 -21.28 -0.06 -9.78
N LEU A 301 -22.00 0.18 -8.69
CA LEU A 301 -21.41 0.44 -7.39
C LEU A 301 -22.07 -0.48 -6.37
N PRO A 302 -21.41 -1.56 -5.96
CA PRO A 302 -22.04 -2.50 -5.02
C PRO A 302 -22.44 -1.88 -3.70
N ASP A 303 -21.84 -0.75 -3.31
CA ASP A 303 -22.24 -0.10 -2.07
C ASP A 303 -23.65 0.49 -2.14
N ALA A 304 -24.25 0.56 -3.33
CA ALA A 304 -25.64 1.00 -3.45
C ALA A 304 -26.60 0.00 -2.81
N TYR A 305 -26.20 -1.26 -2.68
CA TYR A 305 -27.01 -2.27 -2.01
C TYR A 305 -26.28 -2.81 -0.79
N LYS A 306 -25.72 -1.91 0.02
CA LYS A 306 -24.88 -2.33 1.13
C LYS A 306 -25.66 -3.17 2.13
N SER A 307 -26.77 -2.64 2.66
CA SER A 307 -27.53 -3.37 3.67
C SER A 307 -28.22 -4.60 3.07
N VAL A 308 -28.52 -4.58 1.77
CA VAL A 308 -29.14 -5.74 1.14
C VAL A 308 -28.15 -6.90 1.08
N ILE A 309 -26.91 -6.61 0.68
CA ILE A 309 -25.89 -7.66 0.62
C ILE A 309 -25.61 -8.21 2.01
N GLU A 310 -25.51 -7.34 3.02
CA GLU A 310 -25.27 -7.80 4.37
C GLU A 310 -26.46 -8.57 4.93
N ALA A 311 -27.67 -8.29 4.44
CA ALA A 311 -28.83 -9.06 4.89
C ALA A 311 -28.82 -10.47 4.32
N LEU A 312 -28.31 -10.65 3.11
CA LEU A 312 -28.17 -11.99 2.57
C LEU A 312 -27.11 -12.78 3.32
N LYS A 313 -26.04 -12.11 3.77
CA LYS A 313 -25.04 -12.77 4.60
C LYS A 313 -25.66 -13.28 5.90
N HIS A 314 -26.49 -12.45 6.54
CA HIS A 314 -27.14 -12.87 7.78
C HIS A 314 -28.13 -14.01 7.55
N GLY A 315 -28.70 -14.09 6.35
CA GLY A 315 -29.56 -15.22 6.03
C GLY A 315 -28.81 -16.53 5.98
N GLY A 316 -27.59 -16.50 5.41
CA GLY A 316 -26.74 -17.67 5.37
C GLY A 316 -26.17 -18.08 6.71
N LEU A 317 -26.03 -17.13 7.65
CA LEU A 317 -25.54 -17.49 8.98
C LEU A 317 -26.56 -18.34 9.73
N LYS A 318 -27.84 -17.96 9.64
CA LYS A 318 -28.88 -18.68 10.36
C LYS A 318 -29.18 -20.03 9.72
N ASN A 319 -28.82 -20.23 8.46
CA ASN A 319 -29.06 -21.50 7.77
C ASN A 319 -27.78 -22.28 7.49
N ARG A 320 -26.62 -21.76 7.89
CA ARG A 320 -25.33 -22.41 7.67
C ARG A 320 -25.10 -22.66 6.17
N VAL A 321 -25.43 -21.67 5.36
CA VAL A 321 -25.33 -21.75 3.91
C VAL A 321 -24.41 -20.63 3.43
N SER A 322 -23.47 -20.97 2.55
CA SER A 322 -22.58 -19.98 1.95
C SER A 322 -23.29 -19.35 0.77
N VAL A 323 -23.66 -18.07 0.89
CA VAL A 323 -24.38 -17.36 -0.15
C VAL A 323 -23.38 -16.66 -1.05
N ASN A 324 -23.40 -17.00 -2.34
CA ASN A 324 -22.55 -16.37 -3.34
C ASN A 324 -23.42 -15.42 -4.16
N ILE A 325 -23.37 -14.14 -3.81
CA ILE A 325 -24.22 -13.13 -4.46
C ILE A 325 -23.60 -12.76 -5.81
N LYS A 326 -24.45 -12.73 -6.84
CA LYS A 326 -24.02 -12.41 -8.19
C LYS A 326 -24.76 -11.16 -8.66
N LEU A 327 -24.01 -10.09 -8.92
CA LEU A 327 -24.59 -8.84 -9.39
C LEU A 327 -24.82 -8.91 -10.90
N ILE A 328 -26.08 -8.85 -11.31
CA ILE A 328 -26.45 -8.89 -12.72
C ILE A 328 -27.18 -7.60 -13.07
N ASP A 329 -26.85 -7.04 -14.23
CA ASP A 329 -27.45 -5.79 -14.67
C ASP A 329 -28.83 -6.06 -15.26
N SER A 330 -29.84 -5.32 -14.78
CA SER A 330 -31.19 -5.47 -15.29
C SER A 330 -31.31 -4.99 -16.73
N GLN A 331 -30.40 -4.14 -17.21
CA GLN A 331 -30.43 -3.71 -18.59
C GLN A 331 -29.94 -4.81 -19.53
N ASP A 332 -29.04 -5.67 -19.06
CA ASP A 332 -28.58 -6.79 -19.88
C ASP A 332 -29.67 -7.82 -20.08
N VAL A 333 -30.65 -7.88 -19.18
CA VAL A 333 -31.79 -8.78 -19.38
C VAL A 333 -32.62 -8.30 -20.57
N GLU A 334 -32.77 -6.99 -20.73
CA GLU A 334 -33.51 -6.45 -21.87
C GLU A 334 -32.74 -6.67 -23.17
N THR A 335 -31.42 -6.73 -23.11
CA THR A 335 -30.59 -6.87 -24.30
C THR A 335 -30.36 -8.33 -24.67
N ARG A 336 -29.91 -9.15 -23.71
CA ARG A 336 -29.50 -10.52 -23.99
C ARG A 336 -30.55 -11.56 -23.63
N GLY A 337 -31.48 -11.23 -22.75
CA GLY A 337 -32.57 -12.14 -22.42
C GLY A 337 -32.40 -12.77 -21.05
N VAL A 338 -33.19 -13.81 -20.82
CA VAL A 338 -33.19 -14.52 -19.54
C VAL A 338 -32.08 -15.56 -19.52
N GLU A 339 -31.23 -15.54 -20.55
CA GLU A 339 -30.09 -16.45 -20.59
C GLU A 339 -29.07 -16.16 -19.49
N ILE A 340 -29.09 -14.95 -18.93
CA ILE A 340 -28.17 -14.56 -17.87
C ILE A 340 -28.83 -14.83 -16.52
N LEU A 341 -29.97 -15.50 -16.54
CA LEU A 341 -30.68 -15.88 -15.32
C LEU A 341 -30.63 -17.37 -15.05
N LYS A 342 -30.00 -18.16 -15.92
CA LYS A 342 -29.93 -19.60 -15.73
C LYS A 342 -28.77 -19.95 -14.80
N GLY A 343 -29.00 -20.95 -13.95
CA GLY A 343 -28.00 -21.35 -12.97
C GLY A 343 -28.05 -20.57 -11.67
N LEU A 344 -29.20 -20.02 -11.31
CA LEU A 344 -29.37 -19.25 -10.09
C LEU A 344 -30.29 -20.01 -9.14
N ASP A 345 -29.83 -20.22 -7.91
CA ASP A 345 -30.65 -20.87 -6.90
C ASP A 345 -31.74 -19.94 -6.36
N ALA A 346 -31.59 -18.63 -6.56
CA ALA A 346 -32.59 -17.67 -6.13
C ALA A 346 -32.38 -16.37 -6.90
N ILE A 347 -33.36 -15.49 -6.82
CA ILE A 347 -33.34 -14.20 -7.51
C ILE A 347 -33.90 -13.14 -6.58
N LEU A 348 -33.18 -12.02 -6.46
CA LEU A 348 -33.60 -10.90 -5.64
C LEU A 348 -33.55 -9.62 -6.47
N VAL A 349 -34.61 -8.83 -6.39
CA VAL A 349 -34.68 -7.54 -7.08
C VAL A 349 -34.82 -6.43 -6.05
N PRO A 350 -33.78 -5.65 -5.79
CA PRO A 350 -33.84 -4.61 -4.76
C PRO A 350 -34.57 -3.38 -5.26
N GLY A 351 -34.62 -2.36 -4.39
CA GLY A 351 -35.33 -1.14 -4.69
C GLY A 351 -34.55 -0.24 -5.64
N GLY A 352 -35.20 0.87 -5.99
CA GLY A 352 -34.60 1.83 -6.89
C GLY A 352 -35.63 2.82 -7.39
N PHE A 353 -35.15 3.74 -8.21
CA PHE A 353 -36.00 4.77 -8.82
C PHE A 353 -35.54 5.00 -10.25
N GLY A 354 -36.50 5.35 -11.10
CA GLY A 354 -36.21 5.61 -12.50
C GLY A 354 -36.60 4.45 -13.39
N TYR A 355 -37.00 4.76 -14.62
CA TYR A 355 -37.45 3.76 -15.57
C TYR A 355 -36.31 2.96 -16.19
N ARG A 356 -35.06 3.40 -16.02
CA ARG A 356 -33.93 2.72 -16.65
C ARG A 356 -33.79 1.30 -16.12
N GLY A 357 -33.96 0.33 -17.01
CA GLY A 357 -33.78 -1.07 -16.65
C GLY A 357 -34.90 -1.69 -15.86
N VAL A 358 -36.09 -1.08 -15.85
CA VAL A 358 -37.21 -1.65 -15.12
C VAL A 358 -37.85 -2.79 -15.89
N GLU A 359 -37.97 -2.65 -17.21
CA GLU A 359 -38.55 -3.71 -18.02
C GLU A 359 -37.75 -5.01 -17.91
N GLY A 360 -36.45 -4.90 -17.61
CA GLY A 360 -35.67 -6.09 -17.32
C GLY A 360 -35.99 -6.68 -15.97
N MET A 361 -36.32 -5.84 -14.99
CA MET A 361 -36.74 -6.34 -13.69
C MET A 361 -38.11 -7.00 -13.75
N ILE A 362 -38.98 -6.53 -14.65
CA ILE A 362 -40.27 -7.18 -14.86
C ILE A 362 -40.07 -8.55 -15.49
N THR A 363 -39.18 -8.65 -16.46
CA THR A 363 -38.89 -9.94 -17.08
C THR A 363 -38.25 -10.90 -16.09
N THR A 364 -37.42 -10.37 -15.18
CA THR A 364 -36.76 -11.23 -14.19
C THR A 364 -37.77 -11.79 -13.20
N ALA A 365 -38.72 -10.96 -12.75
CA ALA A 365 -39.76 -11.46 -11.86
C ALA A 365 -40.66 -12.48 -12.56
N ARG A 366 -40.75 -12.40 -13.89
CA ARG A 366 -41.52 -13.38 -14.64
C ARG A 366 -40.76 -14.71 -14.76
N PHE A 367 -39.46 -14.65 -15.00
CA PHE A 367 -38.66 -15.87 -15.12
C PHE A 367 -38.61 -16.63 -13.80
N ALA A 368 -38.58 -15.92 -12.68
CA ALA A 368 -38.55 -16.57 -11.37
C ALA A 368 -39.91 -17.16 -10.99
N ARG A 369 -41.00 -16.66 -11.57
CA ARG A 369 -42.33 -17.17 -11.27
C ARG A 369 -42.72 -18.35 -12.14
N GLU A 370 -42.29 -18.35 -13.40
CA GLU A 370 -42.63 -19.44 -14.31
C GLU A 370 -41.77 -20.69 -14.09
N ASN A 371 -40.61 -20.54 -13.46
CA ASN A 371 -39.69 -21.65 -13.24
C ASN A 371 -39.59 -22.06 -11.78
N ASN A 372 -40.45 -21.53 -10.91
CA ASN A 372 -40.47 -21.87 -9.49
C ASN A 372 -39.11 -21.63 -8.84
N ILE A 373 -38.54 -20.46 -9.11
CA ILE A 373 -37.27 -20.03 -8.53
C ILE A 373 -37.58 -19.06 -7.39
N PRO A 374 -36.99 -19.24 -6.21
CA PRO A 374 -37.30 -18.34 -5.09
C PRO A 374 -37.01 -16.88 -5.44
N TYR A 375 -37.94 -16.01 -5.08
CA TYR A 375 -37.87 -14.60 -5.45
C TYR A 375 -38.18 -13.72 -4.26
N LEU A 376 -37.38 -12.68 -4.07
CA LEU A 376 -37.60 -11.68 -3.03
C LEU A 376 -37.49 -10.30 -3.64
N GLY A 377 -38.52 -9.49 -3.46
CA GLY A 377 -38.55 -8.14 -4.01
C GLY A 377 -38.70 -7.11 -2.90
N ILE A 378 -37.94 -6.02 -3.02
CA ILE A 378 -37.95 -4.94 -2.04
C ILE A 378 -38.27 -3.64 -2.77
N CYS A 379 -39.31 -2.95 -2.29
CA CYS A 379 -39.73 -1.67 -2.86
C CYS A 379 -40.01 -1.78 -4.35
N LEU A 380 -39.02 -1.45 -5.18
CA LEU A 380 -39.18 -1.61 -6.62
C LEU A 380 -39.32 -3.08 -7.00
N GLY A 381 -38.77 -3.98 -6.19
CA GLY A 381 -38.95 -5.41 -6.45
C GLY A 381 -40.38 -5.88 -6.31
N MET A 382 -41.17 -5.20 -5.49
CA MET A 382 -42.59 -5.52 -5.39
C MET A 382 -43.39 -4.91 -6.54
N GLN A 383 -42.97 -3.74 -7.03
CA GLN A 383 -43.68 -3.11 -8.14
C GLN A 383 -43.55 -3.95 -9.41
N VAL A 384 -42.33 -4.37 -9.76
CA VAL A 384 -42.14 -5.16 -10.97
C VAL A 384 -42.78 -6.54 -10.82
N ALA A 385 -42.90 -7.04 -9.59
CA ALA A 385 -43.60 -8.30 -9.37
C ALA A 385 -45.10 -8.13 -9.58
N LEU A 386 -45.67 -7.05 -9.05
CA LEU A 386 -47.09 -6.78 -9.26
C LEU A 386 -47.40 -6.50 -10.72
N ILE A 387 -46.47 -5.87 -11.44
CA ILE A 387 -46.67 -5.61 -12.86
C ILE A 387 -46.70 -6.92 -13.63
N ASP A 388 -45.72 -7.80 -13.40
CA ASP A 388 -45.66 -9.07 -14.13
C ASP A 388 -46.93 -9.88 -13.94
N TYR A 389 -47.43 -9.96 -12.70
CA TYR A 389 -48.63 -10.76 -12.45
C TYR A 389 -49.85 -10.12 -13.10
N ALA A 390 -49.94 -8.80 -13.06
CA ALA A 390 -51.08 -8.12 -13.70
C ALA A 390 -50.96 -8.15 -15.21
N ARG A 391 -49.74 -8.09 -15.75
CA ARG A 391 -49.55 -8.01 -17.19
C ARG A 391 -49.64 -9.37 -17.86
N HIS A 392 -49.30 -10.46 -17.14
CA HIS A 392 -49.21 -11.77 -17.75
C HIS A 392 -50.23 -12.78 -17.22
N VAL A 393 -50.64 -12.66 -15.97
CA VAL A 393 -51.66 -13.54 -15.40
C VAL A 393 -53.03 -12.89 -15.44
N ALA A 394 -53.15 -11.65 -14.98
CA ALA A 394 -54.40 -10.93 -15.02
C ALA A 394 -54.72 -10.35 -16.39
N ASN A 395 -53.80 -10.46 -17.34
CA ASN A 395 -54.01 -10.06 -18.74
C ASN A 395 -54.32 -8.57 -18.84
N MET A 396 -53.69 -7.77 -17.98
CA MET A 396 -53.76 -6.31 -18.06
C MET A 396 -52.65 -5.84 -18.99
N GLU A 397 -53.01 -5.55 -20.23
CA GLU A 397 -52.02 -5.26 -21.26
C GLU A 397 -51.31 -3.94 -20.97
N ASN A 398 -49.98 -3.97 -20.99
CA ASN A 398 -49.14 -2.78 -20.82
C ASN A 398 -49.35 -2.14 -19.45
N ALA A 399 -49.57 -2.96 -18.43
CA ALA A 399 -49.66 -2.44 -17.07
C ALA A 399 -48.30 -1.93 -16.62
N ASN A 400 -48.30 -0.76 -16.00
CA ASN A 400 -47.05 -0.11 -15.61
C ASN A 400 -47.33 0.82 -14.43
N SER A 401 -46.34 1.62 -14.05
CA SER A 401 -46.45 2.58 -12.97
C SER A 401 -46.44 3.99 -13.53
N THR A 402 -47.12 4.91 -12.82
CA THR A 402 -47.17 6.29 -13.26
C THR A 402 -45.82 6.98 -13.18
N GLU A 403 -44.89 6.46 -12.36
CA GLU A 403 -43.55 7.00 -12.35
C GLU A 403 -42.86 6.81 -13.69
N PHE A 404 -43.15 5.71 -14.38
CA PHE A 404 -42.50 5.38 -15.64
C PHE A 404 -43.34 5.81 -16.84
N VAL A 405 -44.57 5.35 -16.93
CA VAL A 405 -45.51 5.75 -17.97
C VAL A 405 -46.69 6.45 -17.29
N PRO A 406 -46.74 7.77 -17.32
CA PRO A 406 -47.78 8.48 -16.56
C PRO A 406 -49.19 8.27 -17.08
N ASP A 407 -49.36 8.07 -18.38
CA ASP A 407 -50.68 7.95 -18.99
C ASP A 407 -50.97 6.52 -19.47
N CYS A 408 -50.61 5.53 -18.67
CA CYS A 408 -50.89 4.16 -19.02
C CYS A 408 -52.34 3.81 -18.68
N LYS A 409 -52.84 2.77 -19.34
CA LYS A 409 -54.23 2.34 -19.12
C LYS A 409 -54.39 1.63 -17.78
N TYR A 410 -53.40 0.83 -17.38
CA TYR A 410 -53.45 0.05 -16.15
C TYR A 410 -52.35 0.53 -15.21
N PRO A 411 -52.60 1.60 -14.44
CA PRO A 411 -51.60 2.08 -13.46
C PRO A 411 -51.70 1.33 -12.14
N VAL A 412 -51.13 0.12 -12.12
CA VAL A 412 -51.17 -0.70 -10.91
C VAL A 412 -50.36 -0.08 -9.78
N VAL A 413 -49.40 0.79 -10.10
CA VAL A 413 -48.60 1.48 -9.11
C VAL A 413 -48.66 2.98 -9.40
N ALA A 414 -49.11 3.75 -8.42
CA ALA A 414 -49.26 5.20 -8.60
C ALA A 414 -49.33 5.86 -7.23
N LEU A 415 -49.16 7.17 -7.23
CA LEU A 415 -49.31 7.94 -6.01
C LEU A 415 -50.76 7.88 -5.52
N ILE A 416 -50.95 8.17 -4.24
CA ILE A 416 -52.29 8.15 -3.67
C ILE A 416 -53.19 9.17 -4.37
N THR A 417 -52.62 10.29 -4.80
CA THR A 417 -53.39 11.30 -5.52
C THR A 417 -53.59 10.96 -7.00
N GLU A 418 -52.80 10.03 -7.53
CA GLU A 418 -52.87 9.66 -8.94
C GLU A 418 -53.73 8.43 -9.19
N TRP A 419 -54.39 7.89 -8.16
CA TRP A 419 -55.13 6.64 -8.32
C TRP A 419 -56.30 6.82 -9.28
N ARG A 420 -56.40 5.91 -10.23
CA ARG A 420 -57.50 5.88 -11.19
C ARG A 420 -57.80 4.42 -11.51
N ASP A 421 -58.47 4.18 -12.64
CA ASP A 421 -58.76 2.83 -13.10
C ASP A 421 -58.49 2.77 -14.59
N GLU A 422 -58.97 1.70 -15.23
CA GLU A 422 -58.75 1.53 -16.66
C GLU A 422 -59.59 2.48 -17.50
N ASN A 423 -60.61 3.10 -16.91
CA ASN A 423 -61.46 4.04 -17.62
C ASN A 423 -61.18 5.50 -17.24
N GLY A 424 -60.57 5.74 -16.09
CA GLY A 424 -60.27 7.09 -15.67
C GLY A 424 -61.03 7.52 -14.43
N ASN A 425 -61.74 6.57 -13.81
CA ASN A 425 -62.53 6.87 -12.63
C ASN A 425 -61.65 6.96 -11.39
N VAL A 426 -61.95 7.93 -10.53
CA VAL A 426 -61.17 8.14 -9.32
C VAL A 426 -62.06 7.93 -8.10
N GLU A 427 -61.52 8.16 -6.91
CA GLU A 427 -62.26 8.03 -5.67
C GLU A 427 -62.75 9.39 -5.20
N VAL A 428 -63.65 9.38 -4.22
CA VAL A 428 -64.21 10.60 -3.68
C VAL A 428 -63.19 11.34 -2.82
N MET A 439 -43.91 10.90 0.28
CA MET A 439 -42.66 10.22 0.61
C MET A 439 -42.70 9.67 2.04
N ARG A 440 -43.02 8.40 2.17
CA ARG A 440 -43.07 7.76 3.48
C ARG A 440 -41.67 7.35 3.92
N LEU A 441 -41.28 7.78 5.13
CA LEU A 441 -39.96 7.51 5.67
C LEU A 441 -40.07 7.07 7.12
N GLY A 442 -39.37 6.01 7.47
CA GLY A 442 -39.25 5.57 8.85
C GLY A 442 -40.07 4.32 9.14
N ALA A 443 -40.15 4.01 10.43
CA ALA A 443 -40.85 2.83 10.90
C ALA A 443 -42.37 3.04 10.82
N GLN A 444 -43.07 1.95 10.52
CA GLN A 444 -44.53 1.98 10.47
C GLN A 444 -45.04 0.57 10.73
N GLN A 445 -46.06 0.46 11.58
CA GLN A 445 -46.61 -0.85 11.91
C GLN A 445 -47.36 -1.42 10.71
N CYS A 446 -47.30 -2.74 10.56
CA CYS A 446 -47.95 -3.43 9.46
CA CYS A 446 -47.95 -3.43 9.46
C CYS A 446 -48.70 -4.64 10.00
N GLN A 447 -49.89 -4.87 9.44
CA GLN A 447 -50.74 -6.01 9.82
C GLN A 447 -50.57 -7.12 8.81
N LEU A 448 -50.25 -8.32 9.30
CA LEU A 448 -50.05 -9.48 8.45
C LEU A 448 -51.32 -10.30 8.33
N VAL A 449 -51.53 -10.89 7.16
CA VAL A 449 -52.69 -11.72 6.89
C VAL A 449 -52.42 -13.13 7.43
N ASP A 450 -53.44 -13.73 8.03
CA ASP A 450 -53.29 -15.06 8.60
C ASP A 450 -53.11 -16.11 7.50
N ASP A 451 -52.50 -17.23 7.88
CA ASP A 451 -52.27 -18.36 6.97
C ASP A 451 -51.41 -17.96 5.77
N SER A 452 -50.62 -16.91 5.93
CA SER A 452 -49.72 -16.45 4.87
C SER A 452 -48.30 -16.88 5.18
N LEU A 453 -47.44 -16.80 4.16
CA LEU A 453 -46.06 -17.24 4.34
C LEU A 453 -45.30 -16.31 5.29
N VAL A 454 -45.60 -15.02 5.26
CA VAL A 454 -44.92 -14.08 6.16
C VAL A 454 -45.48 -14.14 7.57
N ARG A 455 -46.74 -14.57 7.74
CA ARG A 455 -47.28 -14.74 9.09
C ARG A 455 -46.56 -15.85 9.83
N GLN A 456 -46.13 -16.89 9.12
CA GLN A 456 -45.39 -17.98 9.75
C GLN A 456 -43.97 -17.54 10.11
N LEU A 457 -43.31 -16.81 9.21
CA LEU A 457 -41.91 -16.44 9.44
C LEU A 457 -41.78 -15.43 10.57
N TYR A 458 -42.51 -14.31 10.48
CA TYR A 458 -42.43 -13.30 11.52
C TYR A 458 -42.98 -13.81 12.86
N ASN A 459 -43.81 -14.84 12.84
CA ASN A 459 -44.31 -15.48 14.05
C ASN A 459 -44.97 -14.46 14.99
N ALA A 460 -45.65 -13.48 14.40
CA ALA A 460 -46.30 -12.41 15.15
C ALA A 460 -47.39 -11.80 14.28
N PRO A 461 -48.44 -11.23 14.88
CA PRO A 461 -49.50 -10.61 14.08
C PRO A 461 -49.05 -9.33 13.40
N THR A 462 -48.46 -8.41 14.15
CA THR A 462 -48.06 -7.10 13.66
C THR A 462 -46.54 -6.98 13.68
N ILE A 463 -45.98 -6.36 12.65
CA ILE A 463 -44.55 -6.15 12.52
C ILE A 463 -44.29 -4.69 12.18
N VAL A 464 -43.04 -4.27 12.39
CA VAL A 464 -42.62 -2.89 12.16
C VAL A 464 -41.41 -2.90 11.24
N GLU A 465 -41.51 -2.15 10.14
CA GLU A 465 -40.41 -2.04 9.18
C GLU A 465 -40.29 -0.58 8.74
N ARG A 466 -39.22 -0.29 8.00
CA ARG A 466 -38.89 1.07 7.60
C ARG A 466 -39.16 1.27 6.12
N HIS A 467 -39.73 2.43 5.79
CA HIS A 467 -40.14 2.75 4.44
C HIS A 467 -39.27 3.83 3.82
N ARG A 468 -39.15 3.79 2.50
CA ARG A 468 -38.57 4.89 1.73
C ARG A 468 -39.05 4.79 0.28
N HIS A 469 -40.23 5.34 0.02
CA HIS A 469 -40.85 5.25 -1.30
C HIS A 469 -41.93 6.32 -1.41
N ARG A 470 -42.41 6.52 -2.64
CA ARG A 470 -43.48 7.46 -2.94
C ARG A 470 -44.69 6.79 -3.57
N TYR A 471 -44.50 5.85 -4.49
CA TYR A 471 -45.57 5.26 -5.26
C TYR A 471 -46.10 4.01 -4.55
N GLU A 472 -47.42 3.94 -4.41
CA GLU A 472 -48.11 2.87 -3.69
C GLU A 472 -48.79 1.93 -4.69
N VAL A 473 -49.36 0.86 -4.16
CA VAL A 473 -50.16 -0.07 -4.95
C VAL A 473 -51.55 0.52 -5.12
N ASN A 474 -52.02 0.58 -6.36
CA ASN A 474 -53.34 1.14 -6.67
C ASN A 474 -54.42 0.20 -6.11
N ASN A 475 -55.14 0.67 -5.09
CA ASN A 475 -56.18 -0.15 -4.48
C ASN A 475 -57.38 -0.35 -5.40
N MET A 476 -57.59 0.55 -6.37
CA MET A 476 -58.69 0.39 -7.30
C MET A 476 -58.42 -0.65 -8.38
N LEU A 477 -57.19 -1.16 -8.47
CA LEU A 477 -56.84 -2.23 -9.39
C LEU A 477 -56.38 -3.49 -8.68
N LEU A 478 -56.50 -3.54 -7.36
CA LEU A 478 -56.01 -4.68 -6.58
C LEU A 478 -56.98 -5.85 -6.63
N LYS A 479 -58.28 -5.58 -6.60
CA LYS A 479 -59.27 -6.66 -6.56
C LYS A 479 -59.22 -7.50 -7.83
N GLN A 480 -58.91 -6.88 -8.97
CA GLN A 480 -58.84 -7.65 -10.21
C GLN A 480 -57.60 -8.54 -10.27
N ILE A 481 -56.55 -8.17 -9.54
CA ILE A 481 -55.36 -9.02 -9.47
C ILE A 481 -55.55 -10.12 -8.43
N GLU A 482 -56.26 -9.84 -7.34
CA GLU A 482 -56.49 -10.86 -6.32
C GLU A 482 -57.32 -12.01 -6.86
N ASP A 483 -58.31 -11.70 -7.70
CA ASP A 483 -59.10 -12.76 -8.32
C ASP A 483 -58.29 -13.56 -9.33
N ALA A 484 -57.19 -13.01 -9.83
CA ALA A 484 -56.31 -13.73 -10.73
C ALA A 484 -55.37 -14.68 -10.01
N GLY A 485 -55.46 -14.78 -8.69
CA GLY A 485 -54.67 -15.70 -7.91
C GLY A 485 -53.67 -15.06 -6.98
N LEU A 486 -53.37 -13.77 -7.17
CA LEU A 486 -52.39 -13.10 -6.32
C LEU A 486 -52.95 -12.91 -4.91
N ARG A 487 -52.09 -13.07 -3.93
CA ARG A 487 -52.46 -12.98 -2.52
C ARG A 487 -51.81 -11.76 -1.89
N VAL A 488 -52.55 -11.08 -1.01
CA VAL A 488 -52.03 -9.94 -0.25
C VAL A 488 -51.75 -10.41 1.17
N ALA A 489 -50.53 -10.17 1.65
CA ALA A 489 -50.12 -10.63 2.96
C ALA A 489 -49.99 -9.52 3.99
N GLY A 490 -49.78 -8.28 3.57
CA GLY A 490 -49.59 -7.21 4.52
C GLY A 490 -50.26 -5.91 4.14
N ARG A 491 -50.91 -5.26 5.09
CA ARG A 491 -51.52 -3.96 4.90
C ARG A 491 -51.24 -3.10 6.14
N SER A 492 -51.32 -1.79 5.95
CA SER A 492 -51.00 -0.87 7.04
C SER A 492 -51.74 0.45 6.83
N GLY A 493 -51.84 1.21 7.91
CA GLY A 493 -52.43 2.53 7.86
C GLY A 493 -53.94 2.50 7.79
N ASP A 494 -54.54 3.69 7.91
CA ASP A 494 -55.98 3.80 7.80
C ASP A 494 -56.46 3.55 6.37
N ASP A 495 -55.60 3.85 5.38
CA ASP A 495 -55.95 3.63 3.98
C ASP A 495 -55.73 2.19 3.54
N GLN A 496 -55.17 1.34 4.39
CA GLN A 496 -54.92 -0.07 4.07
C GLN A 496 -54.11 -0.20 2.79
N LEU A 497 -52.90 0.35 2.83
CA LEU A 497 -51.98 0.28 1.71
C LEU A 497 -51.33 -1.09 1.64
N VAL A 498 -51.18 -1.61 0.43
CA VAL A 498 -50.59 -2.93 0.25
C VAL A 498 -49.11 -2.88 0.59
N GLU A 499 -48.67 -3.79 1.45
CA GLU A 499 -47.28 -3.87 1.88
C GLU A 499 -46.57 -5.11 1.36
N ILE A 500 -47.17 -6.29 1.51
CA ILE A 500 -46.55 -7.55 1.12
C ILE A 500 -47.48 -8.29 0.18
N ILE A 501 -46.93 -8.85 -0.90
CA ILE A 501 -47.67 -9.67 -1.83
C ILE A 501 -46.98 -11.02 -1.97
N GLU A 502 -47.77 -12.05 -2.30
CA GLU A 502 -47.27 -13.41 -2.43
C GLU A 502 -47.92 -14.08 -3.62
N VAL A 503 -47.35 -15.22 -4.01
CA VAL A 503 -47.92 -16.10 -5.03
C VAL A 503 -47.98 -17.49 -4.43
N PRO A 504 -49.17 -17.98 -4.06
CA PRO A 504 -49.24 -19.26 -3.35
C PRO A 504 -48.85 -20.46 -4.20
N ASN A 505 -49.05 -20.40 -5.51
CA ASN A 505 -48.65 -21.50 -6.40
C ASN A 505 -47.17 -21.37 -6.77
N HIS A 506 -46.34 -21.37 -5.73
CA HIS A 506 -44.90 -21.15 -5.86
C HIS A 506 -44.22 -21.56 -4.56
N PRO A 507 -43.02 -22.13 -4.63
CA PRO A 507 -42.32 -22.50 -3.38
C PRO A 507 -42.01 -21.29 -2.49
N TRP A 508 -41.40 -20.25 -3.06
CA TRP A 508 -41.12 -19.02 -2.32
C TRP A 508 -41.25 -17.84 -3.27
N PHE A 509 -42.22 -16.97 -3.02
CA PHE A 509 -42.37 -15.76 -3.81
C PHE A 509 -43.00 -14.69 -2.92
N VAL A 510 -42.14 -13.87 -2.31
CA VAL A 510 -42.57 -12.80 -1.41
C VAL A 510 -41.97 -11.49 -1.91
N ALA A 511 -42.78 -10.44 -1.90
CA ALA A 511 -42.33 -9.11 -2.29
C ALA A 511 -42.94 -8.09 -1.33
N CYS A 512 -42.12 -7.16 -0.86
CA CYS A 512 -42.55 -6.19 0.14
C CYS A 512 -42.19 -4.78 -0.32
N GLN A 513 -42.88 -3.81 0.28
CA GLN A 513 -42.69 -2.39 -0.04
C GLN A 513 -41.64 -1.75 0.85
N PHE A 514 -41.55 -2.15 2.12
CA PHE A 514 -40.56 -1.59 3.03
C PHE A 514 -39.17 -2.15 2.72
N HIS A 515 -38.18 -1.65 3.44
CA HIS A 515 -36.80 -2.09 3.30
C HIS A 515 -36.42 -2.95 4.50
N PRO A 516 -36.52 -4.28 4.40
CA PRO A 516 -36.17 -5.12 5.55
C PRO A 516 -34.68 -5.20 5.83
N GLU A 517 -33.84 -4.82 4.87
CA GLU A 517 -32.40 -4.89 5.08
C GLU A 517 -31.90 -3.90 6.12
N PHE A 518 -32.72 -2.94 6.53
CA PHE A 518 -32.31 -1.97 7.52
C PHE A 518 -32.49 -2.47 8.95
N THR A 519 -33.12 -3.63 9.15
CA THR A 519 -33.27 -4.21 10.48
C THR A 519 -32.54 -5.53 10.64
N SER A 520 -31.80 -5.97 9.63
CA SER A 520 -31.08 -7.25 9.72
C SER A 520 -29.75 -7.04 10.42
N THR A 521 -29.43 -7.92 11.35
CA THR A 521 -28.18 -7.90 12.09
C THR A 521 -27.51 -9.26 12.00
N PRO A 522 -26.19 -9.33 12.14
CA PRO A 522 -25.54 -10.65 12.11
C PRO A 522 -25.88 -11.50 13.32
N ARG A 523 -26.16 -10.90 14.47
CA ARG A 523 -26.41 -11.69 15.68
C ARG A 523 -27.85 -12.19 15.74
N ASP A 524 -28.81 -11.42 15.23
CA ASP A 524 -30.22 -11.78 15.32
C ASP A 524 -30.86 -12.05 13.98
N GLY A 525 -30.15 -11.84 12.87
CA GLY A 525 -30.67 -12.16 11.56
C GLY A 525 -31.90 -11.34 11.20
N HIS A 526 -32.70 -11.91 10.30
CA HIS A 526 -33.96 -11.33 9.88
C HIS A 526 -34.85 -12.46 9.38
N PRO A 527 -36.10 -12.52 9.82
CA PRO A 527 -36.95 -13.67 9.46
C PRO A 527 -37.20 -13.80 7.96
N LEU A 528 -37.23 -12.68 7.23
CA LEU A 528 -37.55 -12.74 5.81
C LEU A 528 -36.37 -13.27 5.00
N PHE A 529 -35.17 -12.77 5.30
CA PHE A 529 -33.98 -13.25 4.59
C PHE A 529 -33.59 -14.65 5.03
N ALA A 530 -33.95 -15.04 6.26
CA ALA A 530 -33.67 -16.41 6.70
C ALA A 530 -34.46 -17.42 5.88
N GLY A 531 -35.76 -17.15 5.67
CA GLY A 531 -36.56 -18.04 4.86
C GLY A 531 -36.23 -17.99 3.39
N PHE A 532 -35.80 -16.83 2.91
CA PHE A 532 -35.43 -16.69 1.49
C PHE A 532 -34.20 -17.51 1.17
N VAL A 533 -33.16 -17.43 2.01
CA VAL A 533 -31.97 -18.22 1.79
C VAL A 533 -32.24 -19.71 2.05
N LYS A 534 -33.10 -20.00 3.02
CA LYS A 534 -33.46 -21.40 3.27
C LYS A 534 -34.15 -22.02 2.06
N ALA A 535 -35.08 -21.28 1.45
CA ALA A 535 -35.73 -21.76 0.24
C ALA A 535 -34.78 -21.81 -0.95
N ALA A 536 -33.70 -21.02 -0.92
CA ALA A 536 -32.74 -21.05 -2.00
C ALA A 536 -31.92 -22.35 -1.97
N SER A 537 -31.59 -22.83 -0.77
CA SER A 537 -30.84 -24.09 -0.67
C SER A 537 -31.72 -25.27 -1.02
N GLU A 538 -33.00 -25.24 -0.65
CA GLU A 538 -33.91 -26.32 -1.00
C GLU A 538 -34.10 -26.41 -2.51
N PHE A 539 -34.08 -25.27 -3.21
CA PHE A 539 -34.12 -25.29 -4.67
C PHE A 539 -32.84 -25.88 -5.25
N GLN A 540 -31.71 -25.69 -4.57
CA GLN A 540 -30.46 -26.27 -5.04
C GLN A 540 -30.42 -27.78 -4.83
N LYS A 541 -31.09 -28.27 -3.77
CA LYS A 541 -31.11 -29.71 -3.51
C LYS A 541 -31.85 -30.46 -4.60
N ARG A 542 -32.93 -29.88 -5.13
CA ARG A 542 -33.80 -30.55 -6.09
C ARG A 542 -33.28 -30.50 -7.52
N GLN A 543 -31.99 -30.29 -7.72
CA GLN A 543 -31.42 -30.25 -9.07
C GLN A 543 -30.64 -31.53 -9.38
N MET B 1 27.18 27.10 -23.65
CA MET B 1 26.03 26.31 -23.22
C MET B 1 25.99 26.18 -21.69
N THR B 2 24.81 26.41 -21.12
CA THR B 2 24.64 26.43 -19.68
C THR B 2 24.26 25.05 -19.17
N THR B 3 24.83 24.67 -18.03
CA THR B 3 24.52 23.40 -17.41
C THR B 3 23.13 23.44 -16.79
N ASN B 4 22.33 22.41 -17.05
CA ASN B 4 20.99 22.30 -16.50
C ASN B 4 20.96 21.28 -15.37
N TYR B 5 20.06 21.50 -14.41
CA TYR B 5 19.97 20.69 -13.21
C TYR B 5 18.56 20.14 -13.04
N ILE B 6 18.47 18.88 -12.61
CA ILE B 6 17.20 18.21 -12.37
C ILE B 6 17.27 17.65 -10.95
N PHE B 7 16.60 18.29 -10.01
CA PHE B 7 16.63 17.87 -8.62
C PHE B 7 15.54 16.83 -8.37
N VAL B 8 15.94 15.69 -7.82
CA VAL B 8 15.05 14.55 -7.59
C VAL B 8 14.82 14.41 -6.09
N THR B 9 13.56 14.39 -5.68
CA THR B 9 13.16 14.26 -4.29
C THR B 9 12.11 13.17 -4.17
N GLY B 10 11.86 12.74 -2.94
CA GLY B 10 10.87 11.72 -2.68
C GLY B 10 9.95 12.13 -1.55
N GLY B 11 8.71 11.61 -1.60
CA GLY B 11 7.69 11.93 -0.62
C GLY B 11 6.99 10.68 -0.12
N VAL B 12 6.07 10.91 0.81
CA VAL B 12 5.25 9.86 1.42
C VAL B 12 6.13 8.88 2.18
N VAL B 13 6.84 8.02 1.47
CA VAL B 13 7.74 7.04 2.09
C VAL B 13 9.15 7.22 1.53
N SER B 14 10.03 6.29 1.85
CA SER B 14 11.42 6.35 1.42
C SER B 14 11.80 5.31 0.38
N SER B 15 11.18 4.13 0.40
CA SER B 15 11.53 3.04 -0.51
C SER B 15 10.82 3.22 -1.85
N LEU B 16 11.12 4.34 -2.51
CA LEU B 16 10.52 4.65 -3.81
C LEU B 16 11.41 4.32 -4.99
N GLY B 17 12.67 3.97 -4.75
CA GLY B 17 13.60 3.75 -5.84
C GLY B 17 13.96 5.04 -6.55
N LYS B 18 14.37 6.06 -5.79
CA LYS B 18 14.77 7.32 -6.40
C LYS B 18 16.02 7.16 -7.25
N GLY B 19 16.94 6.30 -6.83
CA GLY B 19 18.16 6.10 -7.60
C GLY B 19 17.91 5.39 -8.92
N ILE B 20 17.02 4.40 -8.92
CA ILE B 20 16.72 3.67 -10.14
C ILE B 20 15.95 4.54 -11.12
N ALA B 21 15.05 5.39 -10.59
CA ALA B 21 14.28 6.27 -11.46
C ALA B 21 15.17 7.38 -12.03
N ALA B 22 16.12 7.88 -11.24
CA ALA B 22 17.04 8.90 -11.74
C ALA B 22 18.01 8.31 -12.76
N ALA B 23 18.50 7.10 -12.50
CA ALA B 23 19.43 6.47 -13.44
C ALA B 23 18.73 6.14 -14.76
N SER B 24 17.47 5.73 -14.70
CA SER B 24 16.74 5.40 -15.91
C SER B 24 16.47 6.64 -16.75
N LEU B 25 16.15 7.76 -16.09
CA LEU B 25 15.99 9.01 -16.82
C LEU B 25 17.29 9.47 -17.46
N ALA B 26 18.42 9.25 -16.78
CA ALA B 26 19.70 9.64 -17.35
C ALA B 26 20.09 8.74 -18.52
N ALA B 27 19.62 7.48 -18.53
CA ALA B 27 19.90 6.60 -19.65
C ALA B 27 19.18 7.07 -20.91
N ILE B 28 17.98 7.62 -20.75
CA ILE B 28 17.26 8.16 -21.91
C ILE B 28 17.99 9.39 -22.45
N LEU B 29 18.40 10.29 -21.56
CA LEU B 29 19.11 11.50 -22.01
C LEU B 29 20.43 11.14 -22.67
N GLU B 30 21.15 10.15 -22.12
CA GLU B 30 22.39 9.69 -22.73
CA GLU B 30 22.39 9.73 -22.75
C GLU B 30 22.14 9.12 -24.12
N ALA B 31 21.03 8.40 -24.30
CA ALA B 31 20.68 7.83 -25.59
C ALA B 31 20.34 8.90 -26.62
N ARG B 32 20.10 10.14 -26.20
CA ARG B 32 19.86 11.25 -27.12
C ARG B 32 21.12 12.06 -27.39
N GLY B 33 22.29 11.55 -26.98
CA GLY B 33 23.54 12.23 -27.25
C GLY B 33 23.91 13.32 -26.26
N LEU B 34 23.29 13.33 -25.08
CA LEU B 34 23.57 14.35 -24.08
C LEU B 34 24.64 13.89 -23.11
N ASN B 35 25.40 14.85 -22.60
CA ASN B 35 26.43 14.59 -21.60
C ASN B 35 25.79 14.76 -20.23
N VAL B 36 25.45 13.65 -19.59
CA VAL B 36 24.66 13.66 -18.36
C VAL B 36 25.48 13.05 -17.23
N THR B 37 25.15 13.46 -16.01
CA THR B 37 25.77 12.88 -14.82
C THR B 37 24.77 12.92 -13.67
N ILE B 38 25.02 12.08 -12.66
CA ILE B 38 24.15 11.96 -11.50
C ILE B 38 25.01 12.12 -10.25
N MET B 39 24.36 12.54 -9.16
CA MET B 39 25.03 12.61 -7.87
C MET B 39 23.99 12.43 -6.77
N LYS B 40 24.44 11.85 -5.66
CA LYS B 40 23.56 11.47 -4.55
C LYS B 40 23.92 12.28 -3.32
N LEU B 41 22.90 12.82 -2.65
CA LEU B 41 23.07 13.61 -1.44
C LEU B 41 22.43 12.85 -0.27
N ASP B 42 23.27 12.24 0.56
CA ASP B 42 22.81 11.43 1.69
C ASP B 42 22.67 12.28 2.94
N PRO B 43 21.58 12.15 3.69
CA PRO B 43 21.36 13.00 4.87
C PRO B 43 21.92 12.47 6.17
N TYR B 44 22.63 11.33 6.18
CA TYR B 44 23.12 10.84 7.46
CA TYR B 44 23.17 10.78 7.42
C TYR B 44 24.42 11.53 7.84
N ILE B 45 24.73 11.45 9.15
CA ILE B 45 25.87 12.17 9.71
C ILE B 45 27.21 11.49 9.43
N ASN B 46 27.20 10.23 8.98
CA ASN B 46 28.44 9.56 8.63
C ASN B 46 29.19 10.34 7.57
N VAL B 47 30.50 10.54 7.77
CA VAL B 47 31.29 11.30 6.81
C VAL B 47 31.30 10.59 5.47
N ASP B 48 31.47 9.27 5.47
CA ASP B 48 31.42 8.45 4.27
C ASP B 48 30.88 7.08 4.66
N PRO B 49 30.22 6.36 3.74
CA PRO B 49 29.62 5.07 4.11
C PRO B 49 30.62 3.97 4.44
N GLY B 50 31.90 4.32 4.49
CA GLY B 50 32.91 3.33 4.83
C GLY B 50 32.80 2.80 6.24
N THR B 51 32.37 3.65 7.18
CA THR B 51 32.22 3.27 8.58
C THR B 51 30.85 2.66 8.88
N MET B 52 30.17 2.14 7.87
CA MET B 52 28.83 1.59 8.03
C MET B 52 28.83 0.10 7.74
N SER B 53 28.06 -0.65 8.53
CA SER B 53 27.96 -2.08 8.33
C SER B 53 27.12 -2.39 7.09
N PRO B 54 27.45 -3.47 6.37
CA PRO B 54 26.64 -3.82 5.18
C PRO B 54 25.20 -4.17 5.50
N ILE B 55 24.88 -4.52 6.75
CA ILE B 55 23.52 -4.90 7.13
C ILE B 55 22.79 -3.68 7.67
N GLN B 56 23.26 -2.49 7.30
CA GLN B 56 22.61 -1.24 7.67
C GLN B 56 22.01 -0.56 6.46
N HIS B 57 22.83 0.08 5.62
CA HIS B 57 22.35 0.75 4.41
C HIS B 57 22.53 -0.10 3.16
N GLY B 58 23.24 -1.22 3.24
CA GLY B 58 23.53 -2.03 2.08
C GLY B 58 25.02 -2.13 1.80
N GLU B 59 25.39 -2.46 0.57
CA GLU B 59 26.78 -2.59 0.21
C GLU B 59 27.45 -1.23 0.17
N VAL B 60 28.79 -1.24 0.28
CA VAL B 60 29.61 -0.05 0.18
C VAL B 60 30.21 -0.05 -1.22
N PHE B 61 29.65 0.76 -2.11
CA PHE B 61 30.16 0.84 -3.46
C PHE B 61 31.48 1.60 -3.50
N VAL B 62 32.37 1.17 -4.39
CA VAL B 62 33.71 1.75 -4.53
C VAL B 62 33.86 2.27 -5.95
N THR B 63 34.34 3.50 -6.08
CA THR B 63 34.57 4.10 -7.38
C THR B 63 36.04 3.91 -7.79
N GLU B 64 36.38 4.43 -8.98
CA GLU B 64 37.74 4.26 -9.50
C GLU B 64 38.75 4.98 -8.60
N ASP B 65 38.44 6.20 -8.19
CA ASP B 65 39.38 6.98 -7.39
C ASP B 65 39.49 6.48 -5.96
N GLY B 66 38.73 5.46 -5.57
CA GLY B 66 38.86 4.89 -4.24
C GLY B 66 37.91 5.45 -3.22
N ALA B 67 36.77 5.98 -3.64
CA ALA B 67 35.80 6.59 -2.75
C ALA B 67 34.76 5.56 -2.34
N GLU B 68 34.60 5.37 -1.03
CA GLU B 68 33.51 4.55 -0.51
C GLU B 68 32.23 5.37 -0.51
N THR B 69 31.24 4.93 -1.28
CA THR B 69 30.03 5.71 -1.51
C THR B 69 28.80 4.85 -1.27
N ASP B 70 27.64 5.49 -1.38
CA ASP B 70 26.37 4.80 -1.25
C ASP B 70 26.16 3.85 -2.43
N LEU B 71 25.33 2.83 -2.21
CA LEU B 71 25.12 1.84 -3.27
C LEU B 71 24.33 2.42 -4.44
N ASP B 72 23.64 3.54 -4.25
CA ASP B 72 22.93 4.16 -5.37
C ASP B 72 23.86 4.49 -6.52
N LEU B 73 25.13 4.75 -6.24
CA LEU B 73 26.08 4.98 -7.32
C LEU B 73 26.29 3.72 -8.15
N GLY B 74 26.04 2.54 -7.58
CA GLY B 74 26.08 1.33 -8.38
C GLY B 74 25.02 1.30 -9.46
N HIS B 75 23.81 1.77 -9.13
CA HIS B 75 22.78 1.92 -10.15
C HIS B 75 23.18 2.92 -11.22
N TYR B 76 23.94 3.96 -10.86
CA TYR B 76 24.29 4.98 -11.84
C TYR B 76 25.21 4.41 -12.92
N GLU B 77 26.28 3.72 -12.51
CA GLU B 77 27.23 3.20 -13.48
C GLU B 77 26.64 2.08 -14.32
N ARG B 78 25.67 1.33 -13.78
CA ARG B 78 25.03 0.28 -14.54
C ARG B 78 24.00 0.81 -15.54
N PHE B 79 23.68 2.11 -15.49
CA PHE B 79 22.74 2.72 -16.42
C PHE B 79 23.38 3.71 -17.39
N ILE B 80 24.31 4.53 -16.92
CA ILE B 80 25.02 5.46 -17.80
C ILE B 80 26.50 5.14 -17.77
N ARG B 81 27.17 5.46 -18.87
CA ARG B 81 28.58 5.17 -19.05
C ARG B 81 29.49 6.25 -18.48
N THR B 82 28.93 7.32 -17.91
CA THR B 82 29.74 8.33 -17.25
C THR B 82 30.31 7.77 -15.95
N LYS B 83 31.61 7.97 -15.73
CA LYS B 83 32.28 7.39 -14.58
C LYS B 83 32.04 8.25 -13.34
N MET B 84 31.65 7.61 -12.25
CA MET B 84 31.42 8.30 -10.99
C MET B 84 32.71 8.43 -10.21
N SER B 85 32.77 9.44 -9.34
CA SER B 85 33.96 9.69 -8.54
C SER B 85 33.51 10.13 -7.15
N ARG B 86 34.44 10.69 -6.38
CA ARG B 86 34.14 11.10 -5.02
C ARG B 86 33.11 12.24 -5.00
N ARG B 87 33.17 13.13 -5.98
CA ARG B 87 32.29 14.30 -6.00
C ARG B 87 30.88 13.98 -6.48
N ASN B 88 30.53 12.71 -6.64
CA ASN B 88 29.19 12.28 -7.00
C ASN B 88 28.38 11.81 -5.80
N ASN B 89 28.92 11.90 -4.58
CA ASN B 89 28.19 11.46 -3.40
C ASN B 89 28.84 12.07 -2.17
N PHE B 90 28.06 12.85 -1.42
CA PHE B 90 28.53 13.40 -0.15
C PHE B 90 27.36 13.41 0.83
N THR B 91 27.69 13.53 2.11
CA THR B 91 26.71 13.40 3.20
C THR B 91 26.65 14.68 4.02
N THR B 92 25.68 14.71 4.93
CA THR B 92 25.57 15.86 5.84
C THR B 92 26.82 15.98 6.70
N GLY B 93 27.31 14.86 7.22
CA GLY B 93 28.53 14.91 8.01
C GLY B 93 29.73 15.41 7.22
N ARG B 94 29.76 15.15 5.92
CA ARG B 94 30.81 15.70 5.08
C ARG B 94 30.72 17.22 5.01
N ILE B 95 29.50 17.75 4.96
CA ILE B 95 29.31 19.20 4.90
C ILE B 95 29.73 19.85 6.22
N TYR B 96 29.21 19.33 7.33
CA TYR B 96 29.52 19.92 8.64
C TYR B 96 31.00 19.81 8.98
N SER B 97 31.65 18.73 8.56
CA SER B 97 33.08 18.59 8.81
CA SER B 97 33.08 18.59 8.81
C SER B 97 33.87 19.67 8.08
N ASP B 98 33.46 20.01 6.86
CA ASP B 98 34.15 21.04 6.09
C ASP B 98 33.90 22.43 6.68
N VAL B 99 32.65 22.70 7.09
CA VAL B 99 32.33 24.00 7.67
C VAL B 99 32.98 24.17 9.03
N LEU B 100 32.99 23.11 9.84
CA LEU B 100 33.65 23.19 11.13
C LEU B 100 35.16 23.37 10.98
N ARG B 101 35.74 22.84 9.90
CA ARG B 101 37.18 22.99 9.68
C ARG B 101 37.52 24.43 9.30
N LYS B 102 36.78 25.01 8.37
CA LYS B 102 37.02 26.40 8.00
C LYS B 102 36.77 27.35 9.16
N GLU B 103 35.80 27.04 10.01
CA GLU B 103 35.48 27.93 11.13
C GLU B 103 36.57 27.89 12.19
N ARG B 104 37.14 26.70 12.44
CA ARG B 104 38.22 26.59 13.42
C ARG B 104 39.48 27.30 12.93
N ARG B 105 39.74 27.27 11.62
CA ARG B 105 40.87 28.03 11.08
C ARG B 105 40.63 29.52 11.20
N GLY B 106 39.45 29.99 10.79
CA GLY B 106 39.12 31.40 10.84
C GLY B 106 38.78 31.94 9.48
N ASP B 107 38.37 31.06 8.55
CA ASP B 107 38.09 31.49 7.19
C ASP B 107 36.82 32.33 7.11
N TYR B 108 35.99 32.32 8.14
CA TYR B 108 34.77 33.11 8.15
C TYR B 108 34.94 34.47 8.80
N LEU B 109 36.14 34.78 9.30
CA LEU B 109 36.51 36.13 9.75
C LEU B 109 35.61 36.61 10.88
N GLY B 110 35.53 35.80 11.93
CA GLY B 110 34.79 36.17 13.12
C GLY B 110 33.31 36.32 12.93
N ALA B 111 32.76 35.78 11.85
CA ALA B 111 31.34 35.86 11.57
C ALA B 111 30.59 34.74 12.27
N THR B 112 29.27 34.92 12.38
CA THR B 112 28.42 33.89 12.95
C THR B 112 28.13 32.85 11.87
N VAL B 113 28.62 31.64 12.08
CA VAL B 113 28.41 30.56 11.12
C VAL B 113 27.03 29.95 11.37
N GLN B 114 26.18 29.99 10.36
CA GLN B 114 24.78 29.63 10.50
C GLN B 114 24.39 28.62 9.43
N VAL B 115 23.23 27.99 9.62
CA VAL B 115 22.72 27.04 8.62
C VAL B 115 22.54 27.73 7.28
N ILE B 116 21.97 28.92 7.29
CA ILE B 116 21.93 29.80 6.13
C ILE B 116 22.80 31.02 6.43
N PRO B 117 23.77 31.35 5.58
CA PRO B 117 24.09 30.75 4.29
C PRO B 117 25.25 29.76 4.32
N HIS B 118 25.91 29.58 5.47
CA HIS B 118 27.19 28.87 5.48
C HIS B 118 27.03 27.40 5.14
N ILE B 119 26.07 26.71 5.77
CA ILE B 119 25.84 25.31 5.44
C ILE B 119 25.26 25.18 4.04
N THR B 120 24.32 26.07 3.68
CA THR B 120 23.71 25.97 2.36
C THR B 120 24.70 26.29 1.26
N ASN B 121 25.63 27.23 1.49
CA ASN B 121 26.65 27.51 0.48
C ASN B 121 27.57 26.32 0.28
N ALA B 122 27.92 25.63 1.37
CA ALA B 122 28.77 24.45 1.24
C ALA B 122 28.10 23.38 0.38
N ILE B 123 26.78 23.23 0.53
CA ILE B 123 26.05 22.27 -0.29
C ILE B 123 26.03 22.71 -1.74
N LYS B 124 25.77 23.99 -2.00
CA LYS B 124 25.70 24.47 -3.38
C LYS B 124 27.06 24.41 -4.06
N GLU B 125 28.15 24.61 -3.32
CA GLU B 125 29.47 24.57 -3.95
C GLU B 125 29.82 23.16 -4.40
N ARG B 126 29.41 22.15 -3.63
CA ARG B 126 29.70 20.77 -4.00
C ARG B 126 28.82 20.28 -5.15
N VAL B 127 27.57 20.75 -5.20
CA VAL B 127 26.70 20.40 -6.33
C VAL B 127 27.24 21.00 -7.63
N LEU B 128 27.73 22.24 -7.56
CA LEU B 128 28.29 22.87 -8.75
C LEU B 128 29.61 22.25 -9.15
N GLU B 129 30.40 21.76 -8.19
CA GLU B 129 31.69 21.18 -8.50
C GLU B 129 31.54 19.90 -9.31
N GLY B 130 30.67 19.00 -8.85
CA GLY B 130 30.42 17.79 -9.61
C GLY B 130 29.39 17.92 -10.71
N GLY B 131 28.87 19.12 -10.94
CA GLY B 131 27.83 19.30 -11.94
C GLY B 131 28.28 20.09 -13.13
N GLU B 132 28.94 21.23 -12.89
CA GLU B 132 29.37 22.08 -13.99
C GLU B 132 30.34 21.34 -14.89
N GLY B 133 30.12 21.46 -16.20
CA GLY B 133 30.87 20.71 -17.19
C GLY B 133 30.04 19.68 -17.93
N HIS B 134 28.75 19.58 -17.67
CA HIS B 134 27.85 18.64 -18.33
C HIS B 134 26.66 19.40 -18.89
N ASP B 135 25.80 18.68 -19.61
CA ASP B 135 24.57 19.27 -20.14
C ASP B 135 23.43 19.17 -19.15
N VAL B 136 23.21 17.99 -18.60
CA VAL B 136 22.16 17.74 -17.62
C VAL B 136 22.78 17.09 -16.40
N VAL B 137 22.39 17.54 -15.22
CA VAL B 137 22.89 17.01 -13.96
C VAL B 137 21.71 16.62 -13.10
N LEU B 138 21.65 15.36 -12.69
CA LEU B 138 20.60 14.86 -11.81
C LEU B 138 21.14 14.81 -10.39
N VAL B 139 20.48 15.50 -9.47
CA VAL B 139 20.88 15.57 -8.08
C VAL B 139 19.80 14.86 -7.26
N GLU B 140 20.10 13.65 -6.79
CA GLU B 140 19.15 12.91 -5.97
C GLU B 140 19.30 13.32 -4.52
N ILE B 141 18.21 13.75 -3.90
CA ILE B 141 18.19 14.17 -2.51
C ILE B 141 17.68 13.01 -1.66
N GLY B 142 18.55 12.47 -0.82
CA GLY B 142 18.14 11.39 0.06
C GLY B 142 17.21 11.85 1.15
N GLY B 143 16.45 10.90 1.68
CA GLY B 143 15.47 11.20 2.71
C GLY B 143 14.11 11.53 2.14
N THR B 144 13.15 11.69 3.05
CA THR B 144 11.77 11.97 2.69
C THR B 144 11.45 13.43 2.97
N VAL B 145 10.77 14.07 2.02
CA VAL B 145 10.41 15.47 2.18
C VAL B 145 9.50 15.61 3.39
N GLY B 146 9.85 16.53 4.29
CA GLY B 146 9.15 16.73 5.54
C GLY B 146 9.94 16.38 6.77
N ASP B 147 11.02 15.61 6.63
CA ASP B 147 11.85 15.28 7.78
C ASP B 147 12.89 16.36 8.03
N ILE B 148 13.52 16.28 9.20
CA ILE B 148 14.49 17.30 9.61
C ILE B 148 15.79 17.16 8.84
N GLU B 149 16.19 15.92 8.55
CA GLU B 149 17.55 15.67 8.06
C GLU B 149 17.78 16.22 6.66
N SER B 150 16.73 16.34 5.85
CA SER B 150 16.85 16.77 4.46
CA SER B 150 16.85 16.77 4.46
C SER B 150 16.64 18.27 4.27
N LEU B 151 16.24 18.98 5.33
CA LEU B 151 15.93 20.41 5.17
C LEU B 151 17.10 21.26 4.70
N PRO B 152 18.33 21.10 5.21
CA PRO B 152 19.45 21.86 4.61
C PRO B 152 19.63 21.58 3.13
N PHE B 153 19.41 20.34 2.68
CA PHE B 153 19.53 20.04 1.26
C PHE B 153 18.45 20.74 0.45
N LEU B 154 17.21 20.73 0.95
CA LEU B 154 16.11 21.32 0.20
C LEU B 154 16.21 22.84 0.14
N GLU B 155 16.70 23.47 1.20
CA GLU B 155 16.87 24.92 1.16
C GLU B 155 18.00 25.32 0.23
N ALA B 156 19.06 24.51 0.18
CA ALA B 156 20.19 24.82 -0.70
C ALA B 156 19.80 24.71 -2.17
N ILE B 157 19.03 23.67 -2.53
CA ILE B 157 18.64 23.52 -3.93
C ILE B 157 17.59 24.54 -4.30
N ARG B 158 16.81 25.03 -3.34
CA ARG B 158 15.87 26.11 -3.64
C ARG B 158 16.61 27.38 -4.02
N GLN B 159 17.70 27.69 -3.32
CA GLN B 159 18.48 28.88 -3.64
C GLN B 159 19.19 28.76 -4.98
N MET B 160 19.54 27.54 -5.39
CA MET B 160 20.17 27.35 -6.70
C MET B 160 19.19 27.66 -7.82
N ALA B 161 17.94 27.21 -7.69
CA ALA B 161 16.96 27.47 -8.73
C ALA B 161 16.73 28.97 -8.92
N VAL B 162 16.80 29.75 -7.85
CA VAL B 162 16.61 31.19 -7.96
C VAL B 162 17.80 31.84 -8.65
N GLU B 163 19.02 31.40 -8.31
CA GLU B 163 20.21 32.00 -8.91
C GLU B 163 20.40 31.55 -10.34
N ILE B 164 20.26 30.25 -10.60
CA ILE B 164 20.42 29.72 -11.94
C ILE B 164 19.25 30.13 -12.84
N GLY B 165 18.05 30.08 -12.30
CA GLY B 165 16.89 30.40 -13.10
C GLY B 165 16.10 29.16 -13.47
N ARG B 166 14.80 29.34 -13.69
CA ARG B 166 13.94 28.20 -13.99
C ARG B 166 14.08 27.72 -15.43
N GLU B 167 14.85 28.42 -16.26
CA GLU B 167 15.11 27.96 -17.62
C GLU B 167 16.16 26.85 -17.65
N HIS B 168 16.84 26.58 -16.52
CA HIS B 168 17.85 25.54 -16.47
C HIS B 168 17.72 24.69 -15.21
N THR B 169 16.56 24.68 -14.56
CA THR B 169 16.34 23.88 -13.36
C THR B 169 14.96 23.23 -13.43
N LEU B 170 14.87 22.01 -12.90
CA LEU B 170 13.61 21.26 -12.81
C LEU B 170 13.57 20.51 -11.49
N PHE B 171 12.39 20.49 -10.88
CA PHE B 171 12.15 19.75 -9.64
C PHE B 171 11.29 18.53 -9.96
N MET B 172 11.87 17.35 -9.81
CA MET B 172 11.17 16.09 -10.04
C MET B 172 10.93 15.43 -8.69
N HIS B 173 9.67 15.19 -8.36
CA HIS B 173 9.27 14.69 -7.04
C HIS B 173 8.55 13.36 -7.19
N LEU B 174 9.03 12.35 -6.47
CA LEU B 174 8.44 11.01 -6.47
C LEU B 174 7.54 10.84 -5.26
N THR B 175 6.34 10.30 -5.48
CA THR B 175 5.38 10.04 -4.42
C THR B 175 4.86 8.62 -4.53
N LEU B 176 4.05 8.23 -3.54
CA LEU B 176 3.48 6.90 -3.47
C LEU B 176 1.97 6.99 -3.68
N VAL B 177 1.45 6.16 -4.58
CA VAL B 177 0.02 6.10 -4.84
C VAL B 177 -0.46 4.71 -4.42
N PRO B 178 -0.78 4.50 -3.15
CA PRO B 178 -1.11 3.15 -2.69
C PRO B 178 -2.47 2.69 -3.19
N TYR B 179 -2.56 1.38 -3.45
CA TYR B 179 -3.82 0.75 -3.83
C TYR B 179 -4.51 0.21 -2.58
N MET B 180 -5.78 0.56 -2.42
CA MET B 180 -6.58 0.11 -1.29
C MET B 180 -7.48 -1.03 -1.73
N ALA B 181 -7.39 -2.17 -1.05
CA ALA B 181 -8.29 -3.29 -1.34
C ALA B 181 -9.70 -3.03 -0.83
N ALA B 182 -9.87 -2.11 0.13
CA ALA B 182 -11.19 -1.83 0.65
C ALA B 182 -12.04 -1.04 -0.34
N SER B 183 -11.41 -0.28 -1.24
CA SER B 183 -12.12 0.51 -2.22
C SER B 183 -11.79 0.13 -3.67
N GLY B 184 -10.83 -0.76 -3.89
CA GLY B 184 -10.47 -1.16 -5.24
C GLY B 184 -9.90 -0.05 -6.10
N GLU B 185 -9.40 1.02 -5.49
CA GLU B 185 -8.83 2.15 -6.22
C GLU B 185 -7.51 2.55 -5.62
N VAL B 186 -6.75 3.34 -6.36
CA VAL B 186 -5.52 3.93 -5.86
C VAL B 186 -5.84 5.30 -5.26
N LYS B 187 -5.02 5.73 -4.32
CA LYS B 187 -5.28 6.93 -3.54
C LYS B 187 -4.24 7.99 -3.86
N THR B 188 -4.71 9.20 -4.18
CA THR B 188 -3.83 10.33 -4.49
C THR B 188 -3.67 11.27 -3.31
N LYS B 189 -4.35 11.02 -2.19
CA LYS B 189 -4.24 11.92 -1.04
C LYS B 189 -2.81 12.01 -0.50
N PRO B 190 -2.07 10.91 -0.31
CA PRO B 190 -0.67 11.07 0.14
C PRO B 190 0.18 11.92 -0.77
N THR B 191 -0.10 11.92 -2.07
CA THR B 191 0.64 12.77 -2.99
C THR B 191 0.27 14.23 -2.78
N GLN B 192 -1.02 14.52 -2.55
CA GLN B 192 -1.45 15.89 -2.34
C GLN B 192 -0.81 16.49 -1.09
N HIS B 193 -0.81 15.73 0.00
CA HIS B 193 -0.21 16.21 1.24
C HIS B 193 1.30 16.34 1.12
N SER B 194 1.95 15.47 0.33
CA SER B 194 3.39 15.56 0.15
C SER B 194 3.77 16.81 -0.62
N VAL B 195 3.02 17.15 -1.67
CA VAL B 195 3.34 18.34 -2.46
C VAL B 195 3.14 19.59 -1.62
N LYS B 196 2.11 19.63 -0.77
CA LYS B 196 1.93 20.77 0.11
C LYS B 196 3.12 20.92 1.06
N GLU B 197 3.67 19.80 1.53
CA GLU B 197 4.83 19.86 2.39
C GLU B 197 6.06 20.35 1.64
N LEU B 198 6.22 19.92 0.39
CA LEU B 198 7.33 20.41 -0.43
C LEU B 198 7.17 21.89 -0.75
N LEU B 199 5.93 22.37 -0.85
CA LEU B 199 5.71 23.80 -1.10
C LEU B 199 5.98 24.63 0.15
N SER B 200 5.64 24.11 1.33
CA SER B 200 5.88 24.84 2.57
C SER B 200 7.37 25.08 2.81
N ILE B 201 8.24 24.35 2.11
CA ILE B 201 9.67 24.62 2.19
C ILE B 201 10.12 25.62 1.13
N GLY B 202 9.32 25.83 0.09
CA GLY B 202 9.63 26.84 -0.90
C GLY B 202 9.90 26.28 -2.28
N ILE B 203 9.52 25.03 -2.50
CA ILE B 203 9.81 24.32 -3.73
C ILE B 203 8.49 23.94 -4.41
N GLN B 204 8.34 24.36 -5.66
CA GLN B 204 7.18 24.01 -6.47
C GLN B 204 7.61 22.93 -7.47
N PRO B 205 7.17 21.69 -7.31
CA PRO B 205 7.63 20.63 -8.23
C PRO B 205 7.14 20.87 -9.64
N ASP B 206 7.98 20.45 -10.60
CA ASP B 206 7.66 20.55 -12.02
C ASP B 206 7.18 19.23 -12.62
N ILE B 207 7.68 18.11 -12.12
CA ILE B 207 7.32 16.78 -12.62
C ILE B 207 7.02 15.89 -11.42
N LEU B 208 6.00 15.04 -11.56
CA LEU B 208 5.61 14.12 -10.49
C LEU B 208 5.65 12.69 -11.00
N ILE B 209 6.51 11.87 -10.41
CA ILE B 209 6.62 10.45 -10.74
C ILE B 209 5.83 9.65 -9.73
N CYS B 210 4.78 8.97 -10.19
CA CYS B 210 3.86 8.26 -9.31
C CYS B 210 4.28 6.80 -9.21
N ARG B 211 4.64 6.38 -8.01
CA ARG B 211 5.04 4.99 -7.75
C ARG B 211 3.87 4.23 -7.16
N SER B 212 3.57 3.06 -7.75
CA SER B 212 2.46 2.25 -7.30
C SER B 212 2.66 0.82 -7.77
N ASP B 213 1.93 -0.10 -7.17
CA ASP B 213 2.00 -1.50 -7.58
C ASP B 213 1.29 -1.77 -8.89
N ARG B 214 0.83 -0.72 -9.56
CA ARG B 214 0.12 -0.84 -10.82
C ARG B 214 0.13 0.52 -11.50
N ALA B 215 -0.31 0.54 -12.76
CA ALA B 215 -0.33 1.77 -13.52
C ALA B 215 -1.35 2.74 -12.92
N VAL B 216 -0.99 4.02 -12.86
CA VAL B 216 -1.86 5.06 -12.32
C VAL B 216 -2.76 5.54 -13.46
N PRO B 217 -4.08 5.40 -13.35
CA PRO B 217 -4.97 5.81 -14.44
C PRO B 217 -4.94 7.31 -14.68
N ALA B 218 -5.52 7.71 -15.81
CA ALA B 218 -5.50 9.12 -16.21
C ALA B 218 -6.34 9.98 -15.29
N ASN B 219 -7.43 9.43 -14.74
CA ASN B 219 -8.27 10.20 -13.83
C ASN B 219 -7.51 10.57 -12.56
N GLU B 220 -6.73 9.63 -12.01
CA GLU B 220 -5.92 9.94 -10.85
C GLU B 220 -4.79 10.89 -11.21
N ARG B 221 -4.17 10.70 -12.37
CA ARG B 221 -3.10 11.60 -12.80
C ARG B 221 -3.64 13.00 -13.07
N ALA B 222 -4.90 13.11 -13.48
CA ALA B 222 -5.52 14.42 -13.67
C ALA B 222 -5.85 15.08 -12.34
N LYS B 223 -6.30 14.30 -11.35
CA LYS B 223 -6.58 14.88 -10.04
C LYS B 223 -5.30 15.35 -9.36
N ILE B 224 -4.21 14.60 -9.52
CA ILE B 224 -2.93 15.04 -8.97
C ILE B 224 -2.48 16.35 -9.61
N ALA B 225 -2.66 16.46 -10.93
CA ALA B 225 -2.29 17.70 -11.61
C ALA B 225 -3.15 18.88 -11.15
N LEU B 226 -4.37 18.62 -10.68
CA LEU B 226 -5.27 19.69 -10.29
C LEU B 226 -4.81 20.34 -8.97
N PHE B 227 -4.45 19.53 -7.98
CA PHE B 227 -4.15 20.03 -6.65
C PHE B 227 -2.68 20.41 -6.45
N CYS B 228 -1.82 20.20 -7.44
CA CYS B 228 -0.39 20.35 -7.25
C CYS B 228 0.26 21.38 -8.18
N ASN B 229 -0.55 22.16 -8.91
CA ASN B 229 -0.03 23.20 -9.81
C ASN B 229 0.92 22.63 -10.87
N VAL B 230 0.73 21.37 -11.23
CA VAL B 230 1.59 20.68 -12.20
C VAL B 230 0.77 20.38 -13.46
N PRO B 231 1.30 20.62 -14.66
CA PRO B 231 0.55 20.25 -15.87
C PRO B 231 0.30 18.75 -15.93
N GLU B 232 -0.82 18.39 -16.55
CA GLU B 232 -1.22 16.98 -16.58
C GLU B 232 -0.22 16.12 -17.34
N LYS B 233 0.44 16.68 -18.36
CA LYS B 233 1.42 15.91 -19.12
C LYS B 233 2.70 15.66 -18.33
N ALA B 234 2.93 16.40 -17.25
CA ALA B 234 4.11 16.24 -16.42
C ALA B 234 3.87 15.33 -15.23
N VAL B 235 2.77 14.58 -15.22
CA VAL B 235 2.48 13.60 -14.17
C VAL B 235 2.70 12.22 -14.77
N ILE B 236 3.82 11.60 -14.42
CA ILE B 236 4.26 10.33 -15.00
C ILE B 236 3.92 9.19 -14.06
N SER B 237 3.47 8.08 -14.63
CA SER B 237 3.20 6.87 -13.87
C SER B 237 4.39 5.93 -13.96
N LEU B 238 4.71 5.27 -12.84
CA LEU B 238 5.85 4.34 -12.78
C LEU B 238 5.44 3.14 -11.94
N LYS B 239 4.88 2.13 -12.60
CA LYS B 239 4.42 0.94 -11.91
C LYS B 239 5.61 0.08 -11.47
N ASP B 240 5.31 -0.92 -10.65
CA ASP B 240 6.31 -1.91 -10.27
C ASP B 240 6.54 -2.87 -11.42
N VAL B 241 7.80 -3.05 -11.79
CA VAL B 241 8.16 -3.90 -12.92
C VAL B 241 9.05 -5.04 -12.43
N ASP B 242 9.02 -6.15 -13.17
CA ASP B 242 9.86 -7.29 -12.83
C ASP B 242 11.31 -7.08 -13.24
N SER B 243 11.55 -6.27 -14.27
CA SER B 243 12.89 -6.00 -14.77
C SER B 243 13.10 -4.49 -14.83
N ILE B 244 14.08 -3.99 -14.06
CA ILE B 244 14.35 -2.56 -14.03
C ILE B 244 14.87 -2.02 -15.34
N TYR B 245 15.24 -2.90 -16.28
CA TYR B 245 15.70 -2.41 -17.58
C TYR B 245 14.56 -1.93 -18.46
N LYS B 246 13.31 -2.18 -18.06
CA LYS B 246 12.16 -1.71 -18.82
C LYS B 246 11.77 -0.28 -18.48
N ILE B 247 12.32 0.28 -17.40
CA ILE B 247 11.94 1.60 -16.91
C ILE B 247 12.32 2.70 -17.90
N PRO B 248 13.52 2.71 -18.51
CA PRO B 248 13.78 3.74 -19.53
C PRO B 248 12.75 3.77 -20.64
N GLY B 249 12.27 2.60 -21.08
CA GLY B 249 11.22 2.58 -22.09
C GLY B 249 9.89 3.10 -21.58
N LEU B 250 9.59 2.86 -20.30
CA LEU B 250 8.33 3.34 -19.75
C LEU B 250 8.31 4.86 -19.61
N LEU B 251 9.42 5.45 -19.16
CA LEU B 251 9.50 6.89 -19.04
C LEU B 251 9.52 7.57 -20.40
N LYS B 252 10.06 6.90 -21.43
CA LYS B 252 10.10 7.49 -22.75
CA LYS B 252 10.10 7.50 -22.75
C LYS B 252 8.72 7.52 -23.38
N SER B 253 7.94 6.44 -23.22
CA SER B 253 6.61 6.39 -23.82
C SER B 253 5.71 7.49 -23.29
N GLN B 254 5.93 7.94 -22.06
CA GLN B 254 5.17 9.02 -21.46
C GLN B 254 5.79 10.38 -21.73
N GLY B 255 6.83 10.44 -22.57
CA GLY B 255 7.38 11.72 -23.00
C GLY B 255 8.08 12.50 -21.92
N LEU B 256 8.71 11.83 -20.95
CA LEU B 256 9.41 12.53 -19.89
C LEU B 256 10.64 13.24 -20.43
N ASP B 257 11.40 12.58 -21.32
CA ASP B 257 12.58 13.22 -21.89
C ASP B 257 12.20 14.38 -22.80
N ASP B 258 11.08 14.27 -23.52
CA ASP B 258 10.67 15.37 -24.39
C ASP B 258 10.29 16.60 -23.58
N TYR B 259 9.62 16.42 -22.44
CA TYR B 259 9.28 17.56 -21.59
C TYR B 259 10.52 18.21 -21.01
N ILE B 260 11.54 17.43 -20.69
CA ILE B 260 12.77 17.97 -20.12
C ILE B 260 13.55 18.74 -21.18
N CYS B 261 13.70 18.17 -22.38
CA CYS B 261 14.42 18.85 -23.44
C CYS B 261 13.71 20.13 -23.87
N LYS B 262 12.39 20.17 -23.78
CA LYS B 262 11.66 21.38 -24.13
C LYS B 262 11.93 22.48 -23.11
N ARG B 263 11.94 22.13 -21.83
CA ARG B 263 12.19 23.15 -20.79
C ARG B 263 13.60 23.71 -20.89
N PHE B 264 14.59 22.84 -21.08
CA PHE B 264 15.98 23.26 -21.15
C PHE B 264 16.38 23.76 -22.53
N SER B 265 15.46 23.80 -23.49
CA SER B 265 15.71 24.28 -24.85
C SER B 265 16.88 23.54 -25.49
N LEU B 266 16.76 22.22 -25.50
CA LEU B 266 17.79 21.33 -26.04
C LEU B 266 17.27 20.67 -27.31
N ASN B 267 18.00 20.83 -28.40
CA ASN B 267 17.66 20.24 -29.69
CA ASN B 267 17.66 20.24 -29.69
C ASN B 267 18.54 19.01 -29.89
N CYS B 268 18.00 17.84 -29.57
CA CYS B 268 18.73 16.58 -29.70
C CYS B 268 17.80 15.54 -30.30
N PRO B 269 18.35 14.55 -31.02
CA PRO B 269 17.51 13.56 -31.69
C PRO B 269 16.78 12.67 -30.71
N GLU B 270 15.91 11.82 -31.27
CA GLU B 270 15.12 10.91 -30.47
C GLU B 270 15.99 9.82 -29.86
N ALA B 271 15.62 9.39 -28.66
CA ALA B 271 16.38 8.37 -27.95
C ALA B 271 16.31 7.03 -28.68
N ASN B 272 17.43 6.31 -28.67
CA ASN B 272 17.53 4.97 -29.25
C ASN B 272 17.82 4.00 -28.11
N LEU B 273 16.81 3.23 -27.71
CA LEU B 273 16.94 2.30 -26.60
C LEU B 273 17.19 0.86 -27.06
N SER B 274 17.86 0.70 -28.21
CA SER B 274 18.10 -0.64 -28.73
C SER B 274 18.96 -1.46 -27.78
N GLU B 275 19.92 -0.82 -27.10
CA GLU B 275 20.76 -1.55 -26.17
C GLU B 275 19.97 -2.03 -24.96
N TRP B 276 18.92 -1.30 -24.58
CA TRP B 276 18.08 -1.74 -23.47
C TRP B 276 17.02 -2.74 -23.93
N GLU B 277 16.48 -2.54 -25.13
CA GLU B 277 15.58 -3.54 -25.70
C GLU B 277 16.29 -4.88 -25.89
N GLN B 278 17.60 -4.84 -26.17
CA GLN B 278 18.35 -6.08 -26.34
C GLN B 278 18.52 -6.81 -25.01
N VAL B 279 18.79 -6.06 -23.95
CA VAL B 279 18.93 -6.68 -22.63
C VAL B 279 17.61 -7.32 -22.20
N ILE B 280 16.49 -6.65 -22.46
CA ILE B 280 15.19 -7.21 -22.13
C ILE B 280 14.92 -8.47 -22.96
N PHE B 281 15.33 -8.44 -24.23
CA PHE B 281 15.15 -9.60 -25.11
C PHE B 281 15.97 -10.79 -24.63
N GLU B 282 17.21 -10.53 -24.19
CA GLU B 282 18.06 -11.61 -23.68
C GLU B 282 17.52 -12.17 -22.37
N GLU B 283 17.02 -11.31 -21.49
CA GLU B 283 16.54 -11.76 -20.19
C GLU B 283 15.25 -12.55 -20.32
N ALA B 284 14.40 -12.23 -21.29
CA ALA B 284 13.12 -12.89 -21.47
C ALA B 284 13.20 -14.13 -22.35
N ASN B 285 14.40 -14.51 -22.81
CA ASN B 285 14.58 -15.66 -23.68
C ASN B 285 15.81 -16.46 -23.24
N PRO B 286 15.70 -17.17 -22.11
CA PRO B 286 16.79 -18.08 -21.71
C PRO B 286 16.60 -19.46 -22.32
N VAL B 287 17.72 -20.16 -22.46
CA VAL B 287 17.72 -21.53 -22.96
C VAL B 287 17.96 -22.55 -21.85
N SER B 288 18.66 -22.19 -20.78
CA SER B 288 18.94 -23.10 -19.69
C SER B 288 18.63 -22.39 -18.37
N GLU B 289 18.69 -23.14 -17.28
CA GLU B 289 18.41 -22.60 -15.95
C GLU B 289 19.29 -23.31 -14.93
N VAL B 290 19.95 -22.53 -14.07
CA VAL B 290 20.86 -23.07 -13.08
C VAL B 290 20.51 -22.48 -11.72
N THR B 291 21.07 -23.09 -10.68
CA THR B 291 20.90 -22.62 -9.30
C THR B 291 22.28 -22.41 -8.70
N ILE B 292 22.62 -21.15 -8.42
CA ILE B 292 23.91 -20.78 -7.86
C ILE B 292 23.68 -20.36 -6.41
N GLY B 293 24.37 -21.04 -5.49
CA GLY B 293 24.24 -20.74 -4.08
C GLY B 293 25.28 -19.72 -3.64
N MET B 294 24.82 -18.72 -2.91
CA MET B 294 25.69 -17.67 -2.37
C MET B 294 25.72 -17.82 -0.84
N VAL B 295 26.87 -18.17 -0.31
CA VAL B 295 27.03 -18.43 1.12
C VAL B 295 27.80 -17.25 1.72
N GLY B 296 27.11 -16.45 2.52
CA GLY B 296 27.73 -15.30 3.16
C GLY B 296 27.25 -15.09 4.58
N LYS B 297 27.65 -13.98 5.20
CA LYS B 297 27.30 -13.68 6.58
C LYS B 297 26.33 -12.51 6.72
N TYR B 298 25.99 -11.84 5.62
CA TYR B 298 25.08 -10.70 5.64
C TYR B 298 23.80 -10.99 4.86
N ILE B 299 23.41 -12.27 4.76
CA ILE B 299 22.28 -12.64 3.92
C ILE B 299 20.94 -12.18 4.45
N GLU B 300 20.89 -11.73 5.71
CA GLU B 300 19.63 -11.22 6.25
C GLU B 300 19.16 -9.96 5.54
N LEU B 301 20.08 -9.20 4.94
CA LEU B 301 19.74 -8.05 4.10
C LEU B 301 20.30 -8.30 2.70
N PRO B 302 19.46 -8.67 1.73
CA PRO B 302 20.00 -9.00 0.40
C PRO B 302 20.75 -7.87 -0.27
N ASP B 303 20.48 -6.62 0.11
CA ASP B 303 21.20 -5.49 -0.49
C ASP B 303 22.65 -5.41 -0.04
N ALA B 304 23.07 -6.22 0.93
CA ALA B 304 24.47 -6.24 1.32
C ALA B 304 25.35 -6.80 0.21
N TYR B 305 24.79 -7.62 -0.67
CA TYR B 305 25.52 -8.14 -1.82
C TYR B 305 24.86 -7.66 -3.11
N LYS B 306 24.56 -6.36 -3.18
CA LYS B 306 23.77 -5.83 -4.28
C LYS B 306 24.50 -5.99 -5.62
N SER B 307 25.74 -5.51 -5.71
CA SER B 307 26.46 -5.57 -6.97
C SER B 307 26.86 -6.99 -7.35
N VAL B 308 26.99 -7.90 -6.38
CA VAL B 308 27.32 -9.28 -6.69
C VAL B 308 26.10 -9.98 -7.30
N ILE B 309 24.92 -9.76 -6.72
CA ILE B 309 23.70 -10.38 -7.25
C ILE B 309 23.43 -9.92 -8.66
N GLU B 310 23.58 -8.61 -8.92
CA GLU B 310 23.39 -8.10 -10.28
C GLU B 310 24.46 -8.60 -11.24
N ALA B 311 25.65 -8.92 -10.72
CA ALA B 311 26.71 -9.43 -11.60
C ALA B 311 26.38 -10.84 -12.08
N LEU B 312 25.80 -11.67 -11.20
CA LEU B 312 25.39 -13.00 -11.62
C LEU B 312 24.29 -12.94 -12.67
N LYS B 313 23.37 -11.98 -12.55
CA LYS B 313 22.31 -11.85 -13.55
C LYS B 313 22.85 -11.33 -14.87
N HIS B 314 23.90 -10.51 -14.84
CA HIS B 314 24.54 -10.08 -16.08
C HIS B 314 25.23 -11.25 -16.77
N GLY B 315 25.82 -12.17 -16.00
CA GLY B 315 26.42 -13.35 -16.58
C GLY B 315 25.41 -14.25 -17.24
N GLY B 316 24.19 -14.31 -16.69
CA GLY B 316 23.13 -15.09 -17.30
C GLY B 316 22.62 -14.51 -18.61
N LEU B 317 22.77 -13.20 -18.81
CA LEU B 317 22.36 -12.60 -20.08
C LEU B 317 23.29 -13.00 -21.20
N LYS B 318 24.60 -13.00 -20.95
CA LYS B 318 25.57 -13.35 -21.98
C LYS B 318 25.55 -14.83 -22.34
N ASN B 319 24.98 -15.67 -21.48
CA ASN B 319 24.92 -17.10 -21.73
C ASN B 319 23.49 -17.61 -21.92
N ARG B 320 22.49 -16.73 -21.87
CA ARG B 320 21.08 -17.12 -21.99
C ARG B 320 20.71 -18.16 -20.93
N VAL B 321 21.13 -17.90 -19.69
CA VAL B 321 20.91 -18.80 -18.57
C VAL B 321 20.12 -18.06 -17.50
N SER B 322 18.99 -18.63 -17.09
CA SER B 322 18.20 -18.09 -16.00
C SER B 322 18.85 -18.50 -14.68
N VAL B 323 19.39 -17.54 -13.95
CA VAL B 323 20.12 -17.81 -12.72
C VAL B 323 19.18 -17.71 -11.53
N ASN B 324 19.13 -18.75 -10.72
CA ASN B 324 18.38 -18.76 -9.47
C ASN B 324 19.38 -18.67 -8.32
N ILE B 325 19.42 -17.52 -7.66
CA ILE B 325 20.36 -17.28 -6.58
C ILE B 325 19.71 -17.67 -5.26
N LYS B 326 20.38 -18.56 -4.52
CA LYS B 326 19.88 -19.04 -3.23
C LYS B 326 20.83 -18.56 -2.15
N LEU B 327 20.35 -17.65 -1.30
CA LEU B 327 21.16 -17.14 -0.21
C LEU B 327 21.22 -18.16 0.93
N ILE B 328 22.44 -18.52 1.33
CA ILE B 328 22.67 -19.52 2.35
C ILE B 328 23.52 -18.89 3.46
N ASP B 329 23.13 -19.11 4.71
CA ASP B 329 23.89 -18.59 5.84
C ASP B 329 25.11 -19.46 6.10
N SER B 330 26.27 -18.81 6.23
CA SER B 330 27.49 -19.54 6.51
C SER B 330 27.50 -20.14 7.91
N GLN B 331 26.72 -19.59 8.84
CA GLN B 331 26.64 -20.18 10.17
C GLN B 331 25.84 -21.48 10.17
N ASP B 332 24.83 -21.59 9.31
CA ASP B 332 24.08 -22.83 9.20
C ASP B 332 24.95 -23.98 8.68
N VAL B 333 26.03 -23.68 7.97
CA VAL B 333 26.97 -24.72 7.57
C VAL B 333 27.77 -25.20 8.78
N GLU B 334 28.01 -24.31 9.75
CA GLU B 334 28.77 -24.70 10.93
C GLU B 334 27.98 -25.64 11.82
N THR B 335 26.67 -25.44 11.92
CA THR B 335 25.80 -26.22 12.80
C THR B 335 25.13 -27.39 12.09
N ARG B 336 24.56 -27.16 10.91
CA ARG B 336 23.84 -28.21 10.19
C ARG B 336 24.69 -28.96 9.18
N GLY B 337 25.94 -28.54 8.97
CA GLY B 337 26.82 -29.24 8.06
C GLY B 337 26.65 -28.82 6.61
N VAL B 338 27.26 -29.61 5.73
CA VAL B 338 27.26 -29.33 4.30
C VAL B 338 26.02 -29.95 3.67
N GLU B 339 25.07 -30.38 4.50
CA GLU B 339 23.84 -30.97 3.98
C GLU B 339 22.98 -29.96 3.24
N ILE B 340 23.16 -28.67 3.54
CA ILE B 340 22.38 -27.62 2.89
C ILE B 340 23.07 -27.09 1.64
N LEU B 341 24.16 -27.73 1.21
CA LEU B 341 24.85 -27.33 -0.01
C LEU B 341 24.60 -28.28 -1.17
N LYS B 342 23.67 -29.23 -1.01
CA LYS B 342 23.37 -30.19 -2.06
C LYS B 342 22.34 -29.60 -3.02
N GLY B 343 22.47 -29.96 -4.29
CA GLY B 343 21.58 -29.46 -5.33
C GLY B 343 22.00 -28.15 -5.96
N LEU B 344 23.18 -27.64 -5.62
CA LEU B 344 23.67 -26.39 -6.17
C LEU B 344 24.56 -26.66 -7.38
N ASP B 345 24.32 -25.91 -8.46
CA ASP B 345 25.14 -26.01 -9.66
C ASP B 345 26.42 -25.17 -9.57
N ALA B 346 26.51 -24.26 -8.61
CA ALA B 346 27.69 -23.44 -8.40
C ALA B 346 27.63 -22.85 -7.01
N ILE B 347 28.77 -22.37 -6.53
CA ILE B 347 28.88 -21.79 -5.19
C ILE B 347 29.71 -20.52 -5.29
N LEU B 348 29.18 -19.41 -4.76
CA LEU B 348 29.87 -18.13 -4.73
C LEU B 348 29.96 -17.66 -3.28
N VAL B 349 31.16 -17.23 -2.88
CA VAL B 349 31.38 -16.71 -1.53
C VAL B 349 31.82 -15.26 -1.63
N PRO B 350 30.95 -14.31 -1.26
CA PRO B 350 31.33 -12.88 -1.35
C PRO B 350 32.26 -12.44 -0.22
N GLY B 351 32.54 -11.14 -0.16
CA GLY B 351 33.44 -10.60 0.84
C GLY B 351 32.74 -10.29 2.15
N GLY B 352 33.55 -9.86 3.11
CA GLY B 352 33.03 -9.53 4.42
C GLY B 352 34.16 -9.38 5.42
N PHE B 353 33.79 -9.02 6.64
CA PHE B 353 34.73 -8.84 7.73
C PHE B 353 34.18 -9.48 9.00
N GLY B 354 35.10 -9.92 9.85
CA GLY B 354 34.71 -10.53 11.12
C GLY B 354 34.80 -12.04 11.10
N TYR B 355 35.24 -12.63 12.21
CA TYR B 355 35.37 -14.08 12.30
C TYR B 355 34.02 -14.79 12.30
N ARG B 356 32.94 -14.08 12.63
CA ARG B 356 31.62 -14.69 12.72
C ARG B 356 31.19 -15.28 11.38
N GLY B 357 31.08 -16.60 11.32
CA GLY B 357 30.64 -17.27 10.11
C GLY B 357 31.71 -17.53 9.09
N VAL B 358 32.98 -17.47 9.48
CA VAL B 358 34.06 -17.73 8.54
C VAL B 358 34.34 -19.23 8.42
N GLU B 359 34.30 -19.96 9.55
CA GLU B 359 34.54 -21.40 9.51
C GLU B 359 33.50 -22.12 8.66
N GLY B 360 32.30 -21.56 8.55
CA GLY B 360 31.31 -22.10 7.62
C GLY B 360 31.65 -21.83 6.17
N MET B 361 32.42 -20.77 5.90
CA MET B 361 32.84 -20.49 4.53
C MET B 361 34.03 -21.33 4.12
N ILE B 362 34.95 -21.60 5.05
CA ILE B 362 36.06 -22.49 4.76
C ILE B 362 35.55 -23.89 4.47
N THR B 363 34.54 -24.33 5.21
CA THR B 363 33.92 -25.64 4.95
C THR B 363 33.22 -25.66 3.60
N THR B 364 32.61 -24.53 3.21
CA THR B 364 31.94 -24.45 1.93
C THR B 364 32.94 -24.48 0.78
N ALA B 365 34.06 -23.77 0.92
CA ALA B 365 35.09 -23.80 -0.11
C ALA B 365 35.68 -25.20 -0.25
N ARG B 366 35.68 -25.98 0.82
CA ARG B 366 36.12 -27.37 0.73
C ARG B 366 35.10 -28.22 0.00
N PHE B 367 33.81 -27.94 0.21
CA PHE B 367 32.77 -28.73 -0.43
C PHE B 367 32.80 -28.59 -1.94
N ALA B 368 32.98 -27.36 -2.43
CA ALA B 368 33.03 -27.10 -3.87
C ALA B 368 34.31 -27.58 -4.52
N ARG B 369 35.39 -27.72 -3.74
CA ARG B 369 36.66 -28.16 -4.32
C ARG B 369 36.73 -29.68 -4.43
N GLU B 370 36.24 -30.39 -3.41
CA GLU B 370 36.30 -31.84 -3.43
C GLU B 370 35.29 -32.42 -4.40
N ASN B 371 34.05 -31.92 -4.36
CA ASN B 371 32.99 -32.43 -5.23
C ASN B 371 33.01 -31.81 -6.62
N ASN B 372 34.02 -30.99 -6.94
CA ASN B 372 34.16 -30.38 -8.26
C ASN B 372 32.92 -29.58 -8.65
N ILE B 373 32.52 -28.67 -7.77
CA ILE B 373 31.42 -27.76 -8.00
C ILE B 373 32.01 -26.38 -8.34
N PRO B 374 31.57 -25.74 -9.41
CA PRO B 374 32.15 -24.43 -9.78
C PRO B 374 32.09 -23.43 -8.63
N TYR B 375 33.22 -22.78 -8.38
CA TYR B 375 33.39 -21.91 -7.22
C TYR B 375 33.96 -20.57 -7.65
N LEU B 376 33.45 -19.50 -7.03
CA LEU B 376 33.96 -18.15 -7.26
C LEU B 376 34.02 -17.43 -5.92
N GLY B 377 35.19 -16.97 -5.54
CA GLY B 377 35.39 -16.27 -4.28
C GLY B 377 35.86 -14.86 -4.51
N ILE B 378 35.32 -13.92 -3.72
CA ILE B 378 35.65 -12.51 -3.83
C ILE B 378 36.12 -12.02 -2.46
N CYS B 379 37.34 -11.48 -2.41
CA CYS B 379 37.94 -10.94 -1.21
C CYS B 379 37.97 -12.00 -0.11
N LEU B 380 36.98 -11.98 0.79
CA LEU B 380 36.89 -13.02 1.81
C LEU B 380 36.67 -14.39 1.18
N GLY B 381 36.00 -14.45 0.03
CA GLY B 381 35.85 -15.70 -0.68
C GLY B 381 37.17 -16.27 -1.16
N MET B 382 38.20 -15.43 -1.31
CA MET B 382 39.53 -15.93 -1.62
C MET B 382 40.29 -16.35 -0.36
N GLN B 383 40.04 -15.68 0.75
CA GLN B 383 40.70 -16.05 2.00
C GLN B 383 40.29 -17.44 2.44
N VAL B 384 38.98 -17.71 2.48
CA VAL B 384 38.52 -19.04 2.89
C VAL B 384 38.90 -20.10 1.88
N ALA B 385 39.12 -19.73 0.62
CA ALA B 385 39.62 -20.68 -0.36
C ALA B 385 41.10 -20.94 -0.18
N LEU B 386 41.86 -19.91 0.20
CA LEU B 386 43.29 -20.09 0.47
C LEU B 386 43.50 -20.86 1.77
N ILE B 387 42.64 -20.61 2.77
CA ILE B 387 42.73 -21.35 4.03
C ILE B 387 42.39 -22.82 3.80
N ASP B 388 41.35 -23.10 3.01
CA ASP B 388 40.95 -24.48 2.78
C ASP B 388 42.06 -25.27 2.09
N TYR B 389 42.73 -24.67 1.10
CA TYR B 389 43.77 -25.38 0.38
C TYR B 389 45.04 -25.53 1.19
N ALA B 390 45.24 -24.69 2.21
CA ALA B 390 46.40 -24.83 3.08
C ALA B 390 46.12 -25.73 4.28
N ARG B 391 44.89 -25.74 4.77
CA ARG B 391 44.54 -26.53 5.95
C ARG B 391 44.20 -27.98 5.61
N HIS B 392 43.70 -28.24 4.40
CA HIS B 392 43.22 -29.56 4.03
C HIS B 392 44.00 -30.22 2.90
N VAL B 393 44.91 -29.50 2.25
CA VAL B 393 45.70 -30.08 1.16
C VAL B 393 47.18 -30.00 1.53
N ALA B 394 47.69 -28.78 1.71
CA ALA B 394 49.07 -28.59 2.11
C ALA B 394 49.35 -29.04 3.54
N ASN B 395 48.31 -29.40 4.29
CA ASN B 395 48.44 -29.94 5.64
C ASN B 395 49.10 -28.94 6.59
N MET B 396 48.41 -27.82 6.78
CA MET B 396 48.77 -26.81 7.76
C MET B 396 47.57 -26.64 8.69
N GLU B 397 47.49 -27.47 9.71
CA GLU B 397 46.34 -27.47 10.59
C GLU B 397 46.19 -26.13 11.30
N ASN B 398 44.95 -25.70 11.48
CA ASN B 398 44.62 -24.45 12.17
C ASN B 398 45.18 -23.23 11.44
N ALA B 399 45.39 -23.34 10.14
CA ALA B 399 45.79 -22.19 9.35
C ALA B 399 44.62 -21.21 9.26
N ASN B 400 44.89 -19.94 9.53
CA ASN B 400 43.83 -18.94 9.59
C ASN B 400 44.41 -17.58 9.24
N SER B 401 43.62 -16.54 9.45
CA SER B 401 44.02 -15.16 9.18
C SER B 401 44.19 -14.42 10.50
N THR B 402 45.16 -13.49 10.52
CA THR B 402 45.40 -12.71 11.72
C THR B 402 44.23 -11.81 12.07
N GLU B 403 43.34 -11.54 11.12
CA GLU B 403 42.10 -10.83 11.44
C GLU B 403 41.24 -11.64 12.40
N PHE B 404 41.32 -12.96 12.31
CA PHE B 404 40.50 -13.87 13.13
C PHE B 404 41.29 -14.47 14.29
N VAL B 405 42.44 -15.05 14.01
CA VAL B 405 43.34 -15.57 15.02
C VAL B 405 44.68 -14.88 14.88
N PRO B 406 44.96 -13.85 15.68
CA PRO B 406 46.21 -13.11 15.51
C PRO B 406 47.45 -13.92 15.84
N ASP B 407 47.36 -14.86 16.79
CA ASP B 407 48.54 -15.63 17.20
C ASP B 407 48.42 -17.09 16.76
N CYS B 408 48.28 -17.32 15.46
CA CYS B 408 48.22 -18.67 14.91
C CYS B 408 49.56 -19.06 14.31
N LYS B 409 49.72 -20.36 14.07
CA LYS B 409 50.99 -20.88 13.57
C LYS B 409 51.18 -20.58 12.09
N TYR B 410 50.12 -20.71 11.29
CA TYR B 410 50.17 -20.50 9.84
C TYR B 410 49.24 -19.36 9.46
N PRO B 411 49.68 -18.10 9.59
CA PRO B 411 48.86 -16.95 9.14
C PRO B 411 48.97 -16.73 7.63
N VAL B 412 48.17 -17.50 6.89
CA VAL B 412 48.22 -17.43 5.42
C VAL B 412 47.67 -16.10 4.91
N VAL B 413 46.89 -15.39 5.71
CA VAL B 413 46.35 -14.09 5.34
C VAL B 413 46.61 -13.14 6.51
N ALA B 414 47.36 -12.07 6.24
CA ALA B 414 47.72 -11.12 7.30
C ALA B 414 48.09 -9.80 6.65
N LEU B 415 48.16 -8.76 7.49
CA LEU B 415 48.63 -7.46 7.03
C LEU B 415 50.10 -7.56 6.62
N ILE B 416 50.51 -6.67 5.73
CA ILE B 416 51.89 -6.68 5.24
C ILE B 416 52.86 -6.47 6.40
N THR B 417 52.49 -5.63 7.36
CA THR B 417 53.32 -5.41 8.54
C THR B 417 53.24 -6.56 9.53
N GLU B 418 52.39 -7.56 9.28
CA GLU B 418 52.23 -8.70 10.17
C GLU B 418 52.79 -9.99 9.60
N TRP B 419 53.37 -9.96 8.39
CA TRP B 419 53.83 -11.19 7.74
C TRP B 419 54.92 -11.86 8.56
N ARG B 420 54.72 -13.14 8.83
CA ARG B 420 55.67 -13.95 9.59
C ARG B 420 55.66 -15.36 9.02
N ASP B 421 56.41 -16.26 9.67
CA ASP B 421 56.51 -17.66 9.29
C ASP B 421 55.87 -18.52 10.37
N GLU B 422 55.94 -19.84 10.16
CA GLU B 422 55.50 -20.78 11.19
C GLU B 422 56.49 -20.85 12.35
N ASN B 423 57.73 -20.37 12.14
CA ASN B 423 58.73 -20.31 13.20
C ASN B 423 58.81 -18.93 13.84
N GLY B 424 58.19 -17.92 13.24
CA GLY B 424 58.20 -16.57 13.78
C GLY B 424 59.07 -15.60 13.03
N ASN B 425 59.72 -16.01 11.94
CA ASN B 425 60.63 -15.15 11.21
C ASN B 425 59.85 -14.12 10.38
N VAL B 426 60.41 -12.92 10.28
CA VAL B 426 59.77 -11.85 9.52
C VAL B 426 60.60 -11.55 8.27
N GLU B 427 60.30 -10.45 7.61
CA GLU B 427 61.00 -10.05 6.39
C GLU B 427 61.77 -8.75 6.64
N VAL B 428 62.84 -8.56 5.87
CA VAL B 428 63.65 -7.36 5.98
C VAL B 428 62.88 -6.14 5.52
N THR B 438 46.94 0.64 5.58
CA THR B 438 47.03 -0.50 4.68
C THR B 438 45.72 -0.82 3.98
N MET B 439 44.84 0.18 3.85
CA MET B 439 43.55 0.01 3.21
C MET B 439 43.69 0.31 1.72
N ARG B 440 43.54 -0.73 0.89
CA ARG B 440 43.62 -0.57 -0.56
C ARG B 440 42.23 -0.28 -1.10
N LEU B 441 42.07 0.90 -1.72
CA LEU B 441 40.79 1.34 -2.26
C LEU B 441 40.98 1.88 -3.66
N GLY B 442 40.11 1.48 -4.57
CA GLY B 442 40.08 2.04 -5.90
C GLY B 442 40.59 1.07 -6.95
N ALA B 443 40.67 1.58 -8.18
CA ALA B 443 41.12 0.79 -9.31
C ALA B 443 42.64 0.64 -9.28
N GLN B 444 43.09 -0.58 -9.56
CA GLN B 444 44.52 -0.88 -9.59
C GLN B 444 44.75 -1.91 -10.67
N GLN B 445 45.85 -1.75 -11.41
CA GLN B 445 46.18 -2.70 -12.47
C GLN B 445 46.64 -4.03 -11.89
N CYS B 446 46.29 -5.12 -12.59
CA CYS B 446 46.64 -6.46 -12.18
CA CYS B 446 46.65 -6.46 -12.18
C CYS B 446 47.18 -7.22 -13.38
N GLN B 447 48.31 -7.91 -13.20
CA GLN B 447 48.93 -8.70 -14.26
C GLN B 447 48.52 -10.16 -14.14
N LEU B 448 48.16 -10.75 -15.27
CA LEU B 448 47.67 -12.12 -15.32
C LEU B 448 48.76 -13.07 -15.80
N VAL B 449 48.64 -14.33 -15.39
CA VAL B 449 49.56 -15.39 -15.76
C VAL B 449 49.07 -16.04 -17.05
N ASP B 450 50.00 -16.44 -17.92
CA ASP B 450 49.67 -16.94 -19.25
C ASP B 450 48.77 -18.16 -19.22
N ASP B 451 49.30 -19.31 -18.79
CA ASP B 451 48.52 -20.55 -18.75
C ASP B 451 47.64 -20.59 -17.50
N SER B 452 46.69 -19.66 -17.46
CA SER B 452 45.72 -19.57 -16.38
C SER B 452 44.33 -19.44 -16.96
N LEU B 453 43.33 -19.78 -16.13
CA LEU B 453 41.95 -19.73 -16.59
C LEU B 453 41.49 -18.29 -16.81
N VAL B 454 41.90 -17.37 -15.93
CA VAL B 454 41.47 -15.98 -16.04
C VAL B 454 42.15 -15.28 -17.21
N ARG B 455 43.24 -15.83 -17.74
CA ARG B 455 43.92 -15.18 -18.85
C ARG B 455 43.10 -15.29 -20.13
N GLN B 456 42.44 -16.43 -20.34
CA GLN B 456 41.58 -16.58 -21.52
C GLN B 456 40.25 -15.86 -21.35
N LEU B 457 39.78 -15.71 -20.11
CA LEU B 457 38.51 -15.04 -19.87
C LEU B 457 38.62 -13.55 -20.15
N TYR B 458 39.59 -12.87 -19.52
CA TYR B 458 39.78 -11.45 -19.79
C TYR B 458 40.38 -11.22 -21.17
N ASN B 459 41.13 -12.19 -21.68
CA ASN B 459 41.78 -12.09 -23.00
C ASN B 459 42.62 -10.81 -23.09
N ALA B 460 43.43 -10.57 -22.07
CA ALA B 460 44.33 -9.43 -22.04
C ALA B 460 45.39 -9.70 -20.99
N PRO B 461 46.61 -9.18 -21.18
CA PRO B 461 47.67 -9.43 -20.18
C PRO B 461 47.42 -8.73 -18.86
N THR B 462 46.92 -7.49 -18.89
CA THR B 462 46.68 -6.70 -17.69
C THR B 462 45.23 -6.25 -17.65
N ILE B 463 44.66 -6.23 -16.45
CA ILE B 463 43.29 -5.79 -16.23
C ILE B 463 43.29 -4.72 -15.15
N VAL B 464 42.13 -4.08 -14.97
CA VAL B 464 41.95 -3.03 -13.97
C VAL B 464 40.69 -3.35 -13.17
N GLU B 465 40.85 -3.57 -11.87
CA GLU B 465 39.74 -3.86 -10.99
C GLU B 465 39.87 -3.03 -9.71
N ARG B 466 38.79 -3.01 -8.93
CA ARG B 466 38.68 -2.15 -7.77
C ARG B 466 38.84 -2.97 -6.48
N HIS B 467 39.59 -2.43 -5.53
CA HIS B 467 39.86 -3.11 -4.27
C HIS B 467 39.14 -2.43 -3.11
N ARG B 468 38.79 -3.23 -2.11
CA ARG B 468 38.40 -2.73 -0.80
C ARG B 468 38.71 -3.76 0.28
N HIS B 469 39.97 -3.79 0.73
CA HIS B 469 40.40 -4.79 1.69
C HIS B 469 41.65 -4.29 2.41
N ARG B 470 41.97 -4.95 3.51
CA ARG B 470 43.13 -4.58 4.31
C ARG B 470 44.13 -5.71 4.49
N TYR B 471 43.65 -6.94 4.63
CA TYR B 471 44.50 -8.10 4.85
C TYR B 471 44.88 -8.73 3.51
N GLU B 472 46.17 -9.02 3.35
CA GLU B 472 46.72 -9.54 2.10
C GLU B 472 47.12 -11.00 2.27
N VAL B 473 47.51 -11.61 1.15
CA VAL B 473 47.99 -12.99 1.15
C VAL B 473 49.45 -13.00 1.58
N ASN B 474 49.75 -13.83 2.58
CA ASN B 474 51.11 -13.89 3.14
C ASN B 474 52.05 -14.54 2.13
N ASN B 475 52.95 -13.74 1.56
CA ASN B 475 53.92 -14.27 0.61
C ASN B 475 54.95 -15.18 1.26
N MET B 476 55.17 -15.03 2.56
CA MET B 476 56.17 -15.86 3.23
C MET B 476 55.71 -17.31 3.35
N LEU B 477 54.40 -17.54 3.37
CA LEU B 477 53.83 -18.88 3.42
C LEU B 477 53.17 -19.29 2.11
N LEU B 478 53.37 -18.51 1.04
CA LEU B 478 52.68 -18.78 -0.22
C LEU B 478 53.34 -19.92 -0.98
N LYS B 479 54.67 -19.97 -1.02
CA LYS B 479 55.35 -20.96 -1.83
C LYS B 479 55.12 -22.37 -1.31
N GLN B 480 54.85 -22.51 -0.02
CA GLN B 480 54.53 -23.84 0.52
C GLN B 480 53.17 -24.33 0.02
N ILE B 481 52.26 -23.41 -0.29
CA ILE B 481 50.96 -23.78 -0.85
C ILE B 481 51.02 -23.97 -2.36
N GLU B 482 51.91 -23.24 -3.04
CA GLU B 482 52.07 -23.42 -4.48
C GLU B 482 52.56 -24.83 -4.81
N ASP B 483 53.55 -25.32 -4.06
CA ASP B 483 54.05 -26.67 -4.30
C ASP B 483 53.02 -27.73 -3.94
N ALA B 484 51.99 -27.38 -3.18
CA ALA B 484 50.92 -28.32 -2.85
C ALA B 484 49.91 -28.48 -3.98
N GLY B 485 49.98 -27.65 -5.03
CA GLY B 485 49.10 -27.80 -6.17
C GLY B 485 48.26 -26.58 -6.45
N LEU B 486 48.53 -25.48 -5.76
CA LEU B 486 47.77 -24.25 -5.95
C LEU B 486 48.44 -23.36 -6.99
N ARG B 487 47.63 -22.81 -7.89
CA ARG B 487 48.09 -21.97 -8.98
C ARG B 487 47.78 -20.51 -8.68
N VAL B 488 48.76 -19.64 -8.87
CA VAL B 488 48.56 -18.19 -8.74
C VAL B 488 48.32 -17.63 -10.12
N ALA B 489 47.15 -17.00 -10.32
CA ALA B 489 46.74 -16.53 -11.62
C ALA B 489 46.96 -15.04 -11.83
N GLY B 490 47.12 -14.25 -10.77
CA GLY B 490 47.30 -12.83 -10.93
C GLY B 490 47.98 -12.15 -9.76
N ARG B 491 48.92 -11.25 -10.05
CA ARG B 491 49.59 -10.45 -9.05
C ARG B 491 49.60 -8.99 -9.51
N SER B 492 49.95 -8.10 -8.58
CA SER B 492 49.93 -6.68 -8.86
C SER B 492 50.91 -5.95 -7.96
N GLY B 493 51.15 -4.69 -8.27
CA GLY B 493 52.00 -3.84 -7.46
C GLY B 493 53.47 -4.22 -7.52
N ASP B 494 54.24 -3.56 -6.66
CA ASP B 494 55.67 -3.83 -6.58
C ASP B 494 55.96 -5.03 -5.68
N ASP B 495 55.20 -5.17 -4.59
CA ASP B 495 55.39 -6.29 -3.68
C ASP B 495 54.85 -7.60 -4.22
N GLN B 496 54.31 -7.61 -5.44
CA GLN B 496 53.77 -8.82 -6.06
C GLN B 496 52.70 -9.45 -5.17
N LEU B 497 51.75 -8.62 -4.72
CA LEU B 497 50.66 -9.12 -3.91
C LEU B 497 49.76 -10.02 -4.74
N VAL B 498 49.34 -11.13 -4.15
CA VAL B 498 48.52 -12.11 -4.86
C VAL B 498 47.10 -11.58 -5.01
N GLU B 499 46.59 -11.59 -6.23
CA GLU B 499 45.25 -11.11 -6.55
C GLU B 499 44.29 -12.23 -6.91
N ILE B 500 44.70 -13.15 -7.77
CA ILE B 500 43.83 -14.23 -8.24
C ILE B 500 44.53 -15.57 -8.01
N ILE B 501 43.78 -16.55 -7.51
CA ILE B 501 44.29 -17.90 -7.29
C ILE B 501 43.34 -18.88 -7.97
N GLU B 502 43.87 -20.03 -8.36
CA GLU B 502 43.10 -21.05 -9.05
C GLU B 502 43.50 -22.44 -8.57
N VAL B 503 42.58 -23.38 -8.69
CA VAL B 503 42.83 -24.79 -8.43
C VAL B 503 42.74 -25.53 -9.77
N PRO B 504 43.84 -26.09 -10.26
CA PRO B 504 43.80 -26.69 -11.61
C PRO B 504 43.01 -27.99 -11.67
N ASN B 505 43.08 -28.83 -10.65
CA ASN B 505 42.34 -30.10 -10.62
C ASN B 505 40.88 -29.85 -10.23
N HIS B 506 40.22 -29.03 -11.04
CA HIS B 506 38.84 -28.62 -10.81
C HIS B 506 38.29 -28.01 -12.10
N PRO B 507 37.01 -28.20 -12.41
CA PRO B 507 36.48 -27.61 -13.66
C PRO B 507 36.55 -26.09 -13.72
N TRP B 508 36.14 -25.41 -12.64
CA TRP B 508 36.16 -23.95 -12.63
C TRP B 508 36.25 -23.50 -11.17
N PHE B 509 37.46 -23.16 -10.73
CA PHE B 509 37.70 -22.73 -9.36
C PHE B 509 38.59 -21.49 -9.41
N VAL B 510 37.99 -20.32 -9.24
CA VAL B 510 38.69 -19.04 -9.32
C VAL B 510 38.32 -18.21 -8.11
N ALA B 511 39.31 -17.54 -7.51
CA ALA B 511 39.09 -16.64 -6.40
C ALA B 511 39.96 -15.41 -6.59
N CYS B 512 39.38 -14.24 -6.34
CA CYS B 512 40.08 -12.98 -6.56
C CYS B 512 39.94 -12.10 -5.32
N GLN B 513 40.91 -11.18 -5.19
CA GLN B 513 40.96 -10.25 -4.06
C GLN B 513 40.12 -9.00 -4.30
N PHE B 514 40.13 -8.49 -5.53
CA PHE B 514 39.37 -7.31 -5.88
C PHE B 514 37.87 -7.64 -5.94
N HIS B 515 37.06 -6.61 -6.18
CA HIS B 515 35.62 -6.74 -6.32
C HIS B 515 35.24 -6.56 -7.78
N PRO B 516 35.16 -7.64 -8.56
CA PRO B 516 34.82 -7.49 -9.99
C PRO B 516 33.38 -7.10 -10.24
N GLU B 517 32.50 -7.21 -9.24
CA GLU B 517 31.10 -6.86 -9.42
C GLU B 517 30.89 -5.37 -9.60
N PHE B 518 31.86 -4.53 -9.19
CA PHE B 518 31.73 -3.10 -9.33
C PHE B 518 31.96 -2.62 -10.76
N THR B 519 32.42 -3.49 -11.66
CA THR B 519 32.62 -3.13 -13.06
C THR B 519 31.70 -3.89 -13.99
N SER B 520 30.77 -4.69 -13.46
CA SER B 520 29.84 -5.43 -14.30
C SER B 520 28.62 -4.55 -14.62
N THR B 521 28.20 -4.61 -15.88
CA THR B 521 27.06 -3.86 -16.38
C THR B 521 26.14 -4.78 -17.17
N PRO B 522 24.84 -4.46 -17.25
CA PRO B 522 23.94 -5.35 -18.01
C PRO B 522 24.18 -5.31 -19.51
N ARG B 523 24.68 -4.19 -20.04
CA ARG B 523 24.92 -4.08 -21.48
C ARG B 523 26.25 -4.66 -21.92
N ASP B 524 27.23 -4.72 -21.03
CA ASP B 524 28.55 -5.25 -21.37
C ASP B 524 28.94 -6.50 -20.61
N GLY B 525 28.28 -6.81 -19.49
CA GLY B 525 28.63 -7.99 -18.74
C GLY B 525 29.98 -7.85 -18.07
N HIS B 526 30.55 -9.00 -17.71
CA HIS B 526 31.87 -9.06 -17.11
C HIS B 526 32.49 -10.40 -17.48
N PRO B 527 33.76 -10.42 -17.90
CA PRO B 527 34.35 -11.69 -18.35
C PRO B 527 34.42 -12.76 -17.26
N LEU B 528 34.63 -12.36 -16.01
CA LEU B 528 34.77 -13.35 -14.95
C LEU B 528 33.44 -13.99 -14.60
N PHE B 529 32.37 -13.18 -14.49
CA PHE B 529 31.07 -13.72 -14.14
C PHE B 529 30.46 -14.48 -15.30
N ALA B 530 30.81 -14.12 -16.55
CA ALA B 530 30.27 -14.84 -17.69
C ALA B 530 30.76 -16.28 -17.72
N GLY B 531 32.05 -16.50 -17.45
CA GLY B 531 32.57 -17.85 -17.41
C GLY B 531 32.09 -18.64 -16.21
N PHE B 532 31.84 -17.96 -15.09
CA PHE B 532 31.34 -18.65 -13.90
C PHE B 532 29.93 -19.20 -14.14
N VAL B 533 29.07 -18.42 -14.79
CA VAL B 533 27.72 -18.87 -15.07
C VAL B 533 27.73 -19.96 -16.13
N LYS B 534 28.59 -19.82 -17.14
CA LYS B 534 28.71 -20.87 -18.16
C LYS B 534 29.18 -22.18 -17.53
N ALA B 535 30.13 -22.10 -16.60
CA ALA B 535 30.58 -23.30 -15.91
C ALA B 535 29.46 -23.91 -15.07
N ALA B 536 28.58 -23.09 -14.51
CA ALA B 536 27.45 -23.61 -13.76
C ALA B 536 26.45 -24.31 -14.65
N SER B 537 26.30 -23.85 -15.89
CA SER B 537 25.36 -24.50 -16.81
C SER B 537 25.88 -25.87 -17.23
N GLU B 538 27.19 -26.00 -17.46
CA GLU B 538 27.77 -27.27 -17.85
C GLU B 538 27.68 -28.29 -16.71
N PHE B 539 27.80 -27.83 -15.46
CA PHE B 539 27.69 -28.75 -14.33
C PHE B 539 26.28 -29.31 -14.22
N GLN B 540 25.27 -28.49 -14.53
CA GLN B 540 23.89 -28.95 -14.43
C GLN B 540 23.55 -29.96 -15.53
N LYS B 541 24.22 -29.86 -16.68
CA LYS B 541 23.97 -30.80 -17.77
C LYS B 541 24.48 -32.19 -17.43
N ARG B 542 25.61 -32.27 -16.71
CA ARG B 542 26.20 -33.56 -16.37
C ARG B 542 25.42 -34.28 -15.27
N GLN B 543 24.49 -33.62 -14.60
CA GLN B 543 23.71 -34.25 -13.54
C GLN B 543 22.35 -34.73 -14.04
C1 MLA C . -13.76 5.27 5.60
O1A MLA C . -14.03 4.17 5.06
O1B MLA C . -12.95 5.46 6.54
C2 MLA C . -14.48 6.52 5.08
C3 MLA C . -15.19 6.27 3.74
O3A MLA C . -14.50 5.89 2.77
O3B MLA C . -16.42 6.46 3.72
F1 GTF D . 15.40 9.99 11.99
N1 GTF D . 13.97 11.66 10.45
C2 GTF D . 14.06 13.14 10.49
F2 GTF D . 17.05 11.10 10.94
O2 GTF D . 14.98 13.69 9.98
N3 GTF D . 13.00 13.94 11.15
C4 GTF D . 11.87 13.27 11.78
N4 GTF D . 10.83 14.07 12.44
C5 GTF D . 11.78 11.78 11.75
C6 GTF D . 12.83 10.98 11.06
PA GTF D . 13.18 6.21 7.22
PB GTF D . 11.43 5.66 9.50
PG GTF D . 9.46 4.02 8.21
C1' GTF D . 14.93 10.96 9.83
O1A GTF D . 12.86 6.25 5.74
O1B GTF D . 12.42 4.56 9.75
O1G GTF D . 8.56 2.95 8.79
C2' GTF D . 15.96 10.29 10.78
O2A GTF D . 13.89 4.91 7.56
O2B GTF D . 11.51 6.73 10.57
O2G GTF D . 8.74 4.77 7.13
C3' GTF D . 16.29 9.21 10.19
O3' GTF D . 17.69 9.29 9.72
O3A GTF D . 11.75 6.37 8.03
O3B GTF D . 9.89 5.06 9.41
O3G GTF D . 10.72 3.40 7.64
C4' GTF D . 15.31 9.03 8.89
O4' GTF D . 14.31 9.77 9.10
C5' GTF D . 14.85 7.58 8.76
O5' GTF D . 14.09 7.54 7.59
MG MG E . 12.94 2.70 8.33
F1 GTF F . -13.66 18.54 -0.52
N1 GTF F . -10.57 18.04 -0.06
C2 GTF F . -10.36 19.22 0.83
F2 GTF F . -12.23 18.00 -2.16
O2 GTF F . -11.17 19.50 1.64
N3 GTF F . -9.13 20.05 0.69
C4 GTF F . -8.14 19.70 -0.30
N4 GTF F . -6.92 20.52 -0.43
C5 GTF F . -8.34 18.52 -1.19
C6 GTF F . -9.57 17.69 -1.05
PA GTF F . -11.01 11.86 -1.02
PB GTF F . -9.26 12.58 -3.25
PG GTF F . -7.92 10.05 -3.37
C1' GTF F . -11.70 17.31 0.08
O1A GTF F . -11.84 11.15 -2.08
O1B GTF F . -9.00 14.05 -3.52
O1G GTF F . -7.30 9.38 -4.59
C2' GTF F . -12.77 17.59 -0.98
O2A GTF F . -10.65 10.90 0.09
O2B GTF F . -10.44 12.10 -4.06
O2G GTF F . -9.35 9.59 -3.20
C3' GTF F . -13.37 16.48 -1.17
O3' GTF F . -14.77 16.52 -0.68
O3A GTF F . -9.59 12.43 -1.62
O3B GTF F . -7.92 11.69 -3.60
O3G GTF F . -7.12 9.71 -2.14
C4' GTF F . -12.54 15.34 -0.34
O4' GTF F . -11.40 15.82 -0.11
C5' GTF F . -12.40 14.09 -1.20
O5' GTF F . -11.84 13.12 -0.36
MG MG G . -11.65 9.67 -4.15
C1 MLA H . 14.99 4.91 -2.45
O1A MLA H . 14.40 5.94 -2.81
O1B MLA H . 14.49 3.77 -2.37
C2 MLA H . 16.48 5.02 -2.08
C3 MLA H . 16.68 4.94 -0.56
O3A MLA H . 17.62 5.60 -0.05
O3B MLA H . 15.87 4.23 0.07
#